data_1WZE
#
_entry.id   1WZE
#
_cell.length_a   70.400
_cell.length_b   84.940
_cell.length_c   116.940
_cell.angle_alpha   90.00
_cell.angle_beta   90.00
_cell.angle_gamma   90.00
#
_symmetry.space_group_name_H-M   'P 21 21 21'
#
loop_
_entity.id
_entity.type
_entity.pdbx_description
1 polymer 'Malate dehydrogenase'
2 non-polymer NICOTINAMIDE-ADENINE-DINUCLEOTIDE
3 water water
#
_entity_poly.entity_id   1
_entity_poly.type   'polypeptide(L)'
_entity_poly.pdbx_seq_one_letter_code
;MKAPVRVAVTGAAGQIGYSLLFRIAAGEMLGKDQPVILQLLGSERSFQALEGVVMELEDCAFPLLAGLEATDDPKVAFKD
ADYALLVGAAPRKAGMERRDLLQVNGKIFTEQGRALAEVAKKDVKVLVVGNPANTNALIAYKNAPGLNPRNFTAMTRLDH
NRAKAQLAKKTGTGVDRIRRMTVWGNHSSTMFPDLFHAEVDGRPALELVDMEWYEKVFIPTVAQRGAAIIQARGASSAAS
AANAAIEHIRDWALGTPEGDWVSMAVPSQGEYGIPEGIVYSFPVTAKDGAYRVVEGLEINEFARKRMEITAQELLDEMEQ
VKALGLI
;
_entity_poly.pdbx_strand_id   A,B
#
loop_
_chem_comp.id
_chem_comp.type
_chem_comp.name
_chem_comp.formula
NAD non-polymer NICOTINAMIDE-ADENINE-DINUCLEOTIDE 'C21 H27 N7 O14 P2'
#
# COMPACT_ATOMS: atom_id res chain seq x y z
N MET A 1 -2.64 16.03 19.11
CA MET A 1 -1.78 15.22 18.21
C MET A 1 -0.34 15.25 18.69
N LYS A 2 0.41 14.19 18.41
CA LYS A 2 1.80 14.13 18.82
C LYS A 2 2.59 15.07 17.92
N ALA A 3 3.74 15.54 18.40
CA ALA A 3 4.56 16.44 17.58
C ALA A 3 5.01 15.64 16.36
N PRO A 4 5.02 16.28 15.18
CA PRO A 4 5.42 15.60 13.95
C PRO A 4 6.80 14.96 14.06
N VAL A 5 6.97 13.79 13.45
CA VAL A 5 8.25 13.09 13.43
C VAL A 5 8.78 13.04 12.00
N ARG A 6 10.10 13.05 11.85
CA ARG A 6 10.70 13.01 10.52
C ARG A 6 11.15 11.60 10.18
N VAL A 7 10.57 11.07 9.11
CA VAL A 7 10.88 9.73 8.65
C VAL A 7 11.61 9.73 7.32
N ALA A 8 12.86 9.28 7.34
CA ALA A 8 13.65 9.23 6.12
C ALA A 8 13.54 7.84 5.52
N VAL A 9 13.43 7.78 4.19
CA VAL A 9 13.32 6.51 3.47
C VAL A 9 14.16 6.57 2.22
N THR A 10 15.15 5.69 2.11
CA THR A 10 16.01 5.66 0.94
C THR A 10 15.38 4.74 -0.12
N GLY A 11 15.96 4.70 -1.31
CA GLY A 11 15.40 3.88 -2.38
C GLY A 11 13.91 4.11 -2.51
N ALA A 12 13.48 5.33 -2.21
CA ALA A 12 12.07 5.72 -2.21
C ALA A 12 11.30 5.59 -3.53
N ALA A 13 12.01 5.52 -4.65
CA ALA A 13 11.34 5.39 -5.94
C ALA A 13 11.25 3.93 -6.37
N GLY A 14 11.83 3.05 -5.56
CA GLY A 14 11.83 1.62 -5.88
C GLY A 14 10.48 0.97 -5.57
N GLN A 15 10.40 -0.34 -5.79
CA GLN A 15 9.14 -1.06 -5.55
C GLN A 15 8.71 -1.14 -4.09
N ILE A 16 9.63 -1.47 -3.20
CA ILE A 16 9.27 -1.55 -1.78
C ILE A 16 8.81 -0.16 -1.33
N GLY A 17 9.55 0.86 -1.75
CA GLY A 17 9.19 2.22 -1.40
C GLY A 17 7.80 2.58 -1.90
N TYR A 18 7.44 2.11 -3.08
CA TYR A 18 6.13 2.39 -3.65
C TYR A 18 5.00 1.74 -2.83
N SER A 19 5.30 0.62 -2.21
CA SER A 19 4.32 -0.11 -1.39
C SER A 19 4.44 0.28 0.09
N LEU A 20 5.46 1.05 0.42
CA LEU A 20 5.69 1.48 1.81
C LEU A 20 5.25 2.90 2.18
N LEU A 21 5.65 3.87 1.37
CA LEU A 21 5.37 5.28 1.66
C LEU A 21 3.92 5.69 1.91
N PHE A 22 2.99 5.15 1.14
CA PHE A 22 1.60 5.53 1.30
C PHE A 22 1.02 5.05 2.63
N ARG A 23 1.36 3.84 3.04
CA ARG A 23 0.85 3.33 4.30
C ARG A 23 1.47 4.05 5.50
N ILE A 24 2.71 4.52 5.37
CA ILE A 24 3.33 5.28 6.46
C ILE A 24 2.60 6.61 6.54
N ALA A 25 2.36 7.22 5.38
CA ALA A 25 1.66 8.50 5.33
C ALA A 25 0.22 8.36 5.87
N ALA A 26 -0.35 7.17 5.73
CA ALA A 26 -1.71 6.93 6.22
C ALA A 26 -1.74 6.72 7.74
N GLY A 27 -0.56 6.65 8.34
CA GLY A 27 -0.47 6.48 9.79
C GLY A 27 -0.38 5.05 10.29
N GLU A 28 -0.15 4.11 9.38
CA GLU A 28 -0.07 2.69 9.72
C GLU A 28 1.19 2.27 10.47
N MET A 29 2.24 3.07 10.38
CA MET A 29 3.49 2.70 11.04
C MET A 29 3.66 3.25 12.44
N LEU A 30 3.27 4.51 12.67
CA LEU A 30 3.46 5.12 13.97
C LEU A 30 2.16 5.55 14.66
N GLY A 31 1.01 5.19 14.09
CA GLY A 31 -0.24 5.56 14.70
C GLY A 31 -1.04 6.68 14.04
N LYS A 32 -2.36 6.58 14.19
CA LYS A 32 -3.28 7.56 13.62
C LYS A 32 -3.21 8.96 14.22
N ASP A 33 -2.50 9.11 15.32
CA ASP A 33 -2.37 10.43 15.94
C ASP A 33 -0.94 10.92 15.84
N GLN A 34 -0.16 10.32 14.95
CA GLN A 34 1.23 10.71 14.78
C GLN A 34 1.51 11.29 13.40
N PRO A 35 1.54 12.62 13.29
CA PRO A 35 1.82 13.25 11.99
C PRO A 35 3.25 12.90 11.59
N VAL A 36 3.48 12.74 10.29
CA VAL A 36 4.82 12.39 9.81
C VAL A 36 5.30 13.28 8.68
N ILE A 37 6.60 13.52 8.64
CA ILE A 37 7.22 14.32 7.61
C ILE A 37 8.10 13.34 6.83
N LEU A 38 7.76 13.12 5.57
CA LEU A 38 8.51 12.19 4.75
C LEU A 38 9.68 12.85 4.04
N GLN A 39 10.88 12.37 4.34
CA GLN A 39 12.09 12.87 3.73
C GLN A 39 12.62 11.70 2.93
N LEU A 40 12.43 11.79 1.61
CA LEU A 40 12.79 10.72 0.68
C LEU A 40 14.10 10.91 -0.07
N LEU A 41 14.90 9.84 -0.08
CA LEU A 41 16.18 9.84 -0.78
C LEU A 41 16.11 8.91 -1.99
N GLY A 42 16.51 9.44 -3.16
CA GLY A 42 16.51 8.64 -4.37
C GLY A 42 17.74 8.96 -5.18
N SER A 43 18.22 7.98 -5.95
CA SER A 43 19.40 8.19 -6.79
C SER A 43 19.12 9.24 -7.85
N GLU A 44 20.17 9.79 -8.44
CA GLU A 44 20.04 10.81 -9.47
C GLU A 44 19.31 10.24 -10.70
N ARG A 45 19.42 8.93 -10.90
CA ARG A 45 18.78 8.28 -12.04
C ARG A 45 17.30 7.97 -11.78
N SER A 46 16.91 7.96 -10.52
CA SER A 46 15.51 7.67 -10.16
C SER A 46 14.80 8.88 -9.59
N PHE A 47 15.46 10.04 -9.61
CA PHE A 47 14.86 11.24 -9.05
C PHE A 47 13.60 11.70 -9.79
N GLN A 48 13.56 11.48 -11.10
CA GLN A 48 12.39 11.89 -11.87
C GLN A 48 11.21 11.03 -11.44
N ALA A 49 11.47 9.74 -11.26
CA ALA A 49 10.42 8.82 -10.82
C ALA A 49 10.01 9.16 -9.39
N LEU A 50 10.97 9.56 -8.56
CA LEU A 50 10.67 9.92 -7.18
C LEU A 50 9.76 11.14 -7.13
N GLU A 51 9.97 12.08 -8.06
CA GLU A 51 9.13 13.27 -8.12
C GLU A 51 7.70 12.85 -8.41
N GLY A 52 7.57 11.79 -9.20
CA GLY A 52 6.26 11.28 -9.53
C GLY A 52 5.62 10.64 -8.31
N VAL A 53 6.42 9.94 -7.51
CA VAL A 53 5.89 9.30 -6.32
C VAL A 53 5.41 10.39 -5.36
N VAL A 54 6.17 11.49 -5.29
CA VAL A 54 5.81 12.61 -4.44
C VAL A 54 4.43 13.15 -4.82
N MET A 55 4.18 13.24 -6.11
CA MET A 55 2.88 13.74 -6.58
C MET A 55 1.77 12.79 -6.18
N GLU A 56 2.00 11.49 -6.33
CA GLU A 56 0.98 10.51 -5.95
C GLU A 56 0.69 10.62 -4.47
N LEU A 57 1.72 10.84 -3.66
CA LEU A 57 1.53 10.98 -2.23
C LEU A 57 0.63 12.19 -1.96
N GLU A 58 0.92 13.31 -2.60
CA GLU A 58 0.11 14.52 -2.43
C GLU A 58 -1.33 14.24 -2.83
N ASP A 59 -1.49 13.47 -3.90
CA ASP A 59 -2.82 13.15 -4.42
C ASP A 59 -3.64 12.21 -3.56
N CYS A 60 -3.09 11.77 -2.43
CA CYS A 60 -3.85 10.92 -1.54
C CYS A 60 -4.50 11.78 -0.48
N ALA A 61 -4.05 13.04 -0.40
CA ALA A 61 -4.59 13.98 0.59
C ALA A 61 -4.58 13.38 1.99
N PHE A 62 -3.41 12.92 2.42
CA PHE A 62 -3.23 12.33 3.74
C PHE A 62 -3.18 13.39 4.83
N PRO A 63 -4.13 13.37 5.77
CA PRO A 63 -4.13 14.37 6.84
C PRO A 63 -2.90 14.34 7.74
N LEU A 64 -2.26 13.17 7.86
CA LEU A 64 -1.09 13.04 8.71
C LEU A 64 0.24 13.40 8.07
N LEU A 65 0.27 13.57 6.75
CA LEU A 65 1.53 13.91 6.08
C LEU A 65 1.79 15.40 6.25
N ALA A 66 2.52 15.75 7.31
CA ALA A 66 2.82 17.14 7.64
C ALA A 66 3.95 17.75 6.82
N GLY A 67 4.69 16.91 6.11
CA GLY A 67 5.78 17.41 5.30
C GLY A 67 6.20 16.37 4.29
N LEU A 68 6.72 16.80 3.15
CA LEU A 68 7.15 15.88 2.10
C LEU A 68 8.26 16.54 1.28
N GLU A 69 9.44 15.93 1.29
CA GLU A 69 10.59 16.47 0.56
C GLU A 69 11.43 15.38 -0.06
N ALA A 70 11.68 15.50 -1.36
CA ALA A 70 12.51 14.54 -2.08
C ALA A 70 13.87 15.18 -2.30
N THR A 71 14.93 14.38 -2.22
CA THR A 71 16.29 14.87 -2.40
C THR A 71 17.17 13.72 -2.87
N ASP A 72 18.38 14.05 -3.31
CA ASP A 72 19.31 13.02 -3.74
C ASP A 72 20.54 13.16 -2.86
N ASP A 73 20.40 13.96 -1.81
CA ASP A 73 21.47 14.21 -0.87
C ASP A 73 21.13 13.58 0.48
N PRO A 74 21.92 12.58 0.92
CA PRO A 74 21.68 11.91 2.20
C PRO A 74 21.65 12.86 3.39
N LYS A 75 22.50 13.89 3.35
CA LYS A 75 22.56 14.85 4.45
C LYS A 75 21.29 15.69 4.53
N VAL A 76 20.53 15.70 3.44
CA VAL A 76 19.27 16.44 3.42
C VAL A 76 18.19 15.50 3.93
N ALA A 77 18.17 14.29 3.35
CA ALA A 77 17.18 13.28 3.71
C ALA A 77 17.19 12.89 5.18
N PHE A 78 18.38 12.74 5.77
CA PHE A 78 18.49 12.34 7.17
C PHE A 78 18.45 13.50 8.17
N LYS A 79 18.33 14.71 7.67
CA LYS A 79 18.30 15.91 8.51
C LYS A 79 17.24 15.80 9.60
N ASP A 80 17.69 15.77 10.86
CA ASP A 80 16.79 15.67 12.01
C ASP A 80 15.84 14.48 11.97
N ALA A 81 16.22 13.44 11.24
CA ALA A 81 15.38 12.25 11.14
C ALA A 81 15.20 11.54 12.47
N ASP A 82 13.97 11.12 12.73
CA ASP A 82 13.62 10.39 13.95
C ASP A 82 13.69 8.90 13.62
N TYR A 83 13.39 8.58 12.36
CA TYR A 83 13.44 7.21 11.87
C TYR A 83 14.13 7.21 10.51
N ALA A 84 14.87 6.15 10.24
CA ALA A 84 15.55 6.04 8.96
C ALA A 84 15.38 4.62 8.45
N LEU A 85 14.68 4.50 7.33
CA LEU A 85 14.44 3.21 6.69
C LEU A 85 15.36 3.15 5.48
N LEU A 86 16.45 2.40 5.62
CA LEU A 86 17.42 2.27 4.55
C LEU A 86 17.04 1.13 3.62
N VAL A 87 16.27 1.44 2.59
CA VAL A 87 15.80 0.44 1.65
C VAL A 87 16.70 0.33 0.42
N GLY A 88 17.24 1.47 -0.03
CA GLY A 88 18.09 1.46 -1.19
C GLY A 88 19.45 0.79 -0.95
N ALA A 89 19.79 -0.15 -1.82
CA ALA A 89 21.05 -0.87 -1.71
C ALA A 89 21.63 -1.05 -3.12
N ALA A 90 22.71 -1.82 -3.23
CA ALA A 90 23.34 -2.06 -4.53
C ALA A 90 22.50 -2.89 -5.48
N PRO A 91 22.32 -2.42 -6.72
CA PRO A 91 21.53 -3.13 -7.73
C PRO A 91 22.35 -4.25 -8.36
N ARG A 92 21.94 -5.49 -8.14
CA ARG A 92 22.65 -6.64 -8.70
C ARG A 92 22.20 -6.91 -10.13
N LYS A 93 23.06 -6.54 -11.08
CA LYS A 93 22.77 -6.74 -12.50
C LYS A 93 23.68 -7.81 -13.07
N ALA A 94 23.99 -7.71 -14.36
CA ALA A 94 24.87 -8.66 -15.03
C ALA A 94 26.31 -8.19 -14.94
N GLY A 95 27.23 -9.15 -14.83
CA GLY A 95 28.64 -8.80 -14.75
C GLY A 95 29.08 -8.54 -13.32
N MET A 96 28.48 -7.54 -12.69
CA MET A 96 28.80 -7.18 -11.31
C MET A 96 28.75 -8.42 -10.43
N GLU A 97 29.90 -8.80 -9.89
CA GLU A 97 30.00 -9.98 -9.04
C GLU A 97 30.00 -9.68 -7.54
N ARG A 98 30.20 -10.73 -6.76
CA ARG A 98 30.24 -10.65 -5.30
C ARG A 98 31.03 -9.45 -4.81
N ARG A 99 32.36 -9.56 -4.82
CA ARG A 99 33.24 -8.49 -4.37
C ARG A 99 32.87 -7.13 -4.95
N ASP A 100 32.33 -7.11 -6.16
CA ASP A 100 31.95 -5.87 -6.81
C ASP A 100 30.73 -5.27 -6.13
N LEU A 101 29.72 -6.10 -5.90
CA LEU A 101 28.49 -5.68 -5.26
C LEU A 101 28.78 -5.23 -3.83
N LEU A 102 29.81 -5.84 -3.23
CA LEU A 102 30.19 -5.51 -1.87
C LEU A 102 30.78 -4.10 -1.80
N GLN A 103 31.49 -3.71 -2.86
CA GLN A 103 32.10 -2.39 -2.93
C GLN A 103 31.04 -1.30 -2.98
N VAL A 104 30.10 -1.44 -3.89
CA VAL A 104 29.03 -0.45 -4.03
C VAL A 104 28.23 -0.36 -2.73
N ASN A 105 27.84 -1.49 -2.18
CA ASN A 105 27.08 -1.49 -0.92
C ASN A 105 27.93 -0.84 0.17
N GLY A 106 29.24 -1.09 0.12
CA GLY A 106 30.13 -0.51 1.10
C GLY A 106 30.12 1.01 1.03
N LYS A 107 30.13 1.56 -0.17
CA LYS A 107 30.11 3.01 -0.34
C LYS A 107 28.76 3.57 0.10
N ILE A 108 27.69 2.85 -0.23
CA ILE A 108 26.34 3.28 0.14
C ILE A 108 26.20 3.47 1.65
N PHE A 109 26.35 2.39 2.39
CA PHE A 109 26.18 2.43 3.82
C PHE A 109 27.26 3.14 4.63
N THR A 110 28.44 3.35 4.05
CA THR A 110 29.46 4.08 4.77
C THR A 110 29.04 5.54 4.71
N GLU A 111 28.58 5.97 3.54
CA GLU A 111 28.14 7.35 3.35
C GLU A 111 26.87 7.65 4.13
N GLN A 112 25.91 6.72 4.10
CA GLN A 112 24.65 6.93 4.80
C GLN A 112 24.83 6.89 6.31
N GLY A 113 25.73 6.03 6.78
CA GLY A 113 25.99 5.95 8.21
C GLY A 113 26.59 7.28 8.66
N ARG A 114 27.53 7.79 7.87
CA ARG A 114 28.16 9.07 8.19
C ARG A 114 27.16 10.21 8.17
N ALA A 115 26.25 10.19 7.19
CA ALA A 115 25.26 11.25 7.10
C ALA A 115 24.36 11.23 8.34
N LEU A 116 23.93 10.03 8.72
CA LEU A 116 23.07 9.87 9.89
C LEU A 116 23.73 10.45 11.15
N ALA A 117 24.98 10.06 11.37
CA ALA A 117 25.70 10.53 12.55
C ALA A 117 25.87 12.05 12.53
N GLU A 118 25.96 12.63 11.34
CA GLU A 118 26.15 14.06 11.22
C GLU A 118 24.88 14.93 11.30
N VAL A 119 23.79 14.48 10.66
CA VAL A 119 22.57 15.30 10.64
C VAL A 119 21.28 14.79 11.28
N ALA A 120 21.17 13.48 11.51
CA ALA A 120 19.94 12.95 12.10
C ALA A 120 19.89 13.18 13.61
N LYS A 121 18.74 12.88 14.22
CA LYS A 121 18.58 13.02 15.66
C LYS A 121 19.53 11.99 16.26
N LYS A 122 20.07 12.30 17.43
CA LYS A 122 21.01 11.38 18.09
C LYS A 122 20.35 10.05 18.38
N ASP A 123 19.04 10.08 18.65
CA ASP A 123 18.30 8.86 18.96
C ASP A 123 17.54 8.31 17.75
N VAL A 124 18.03 8.61 16.55
CA VAL A 124 17.39 8.13 15.34
C VAL A 124 17.31 6.60 15.36
N LYS A 125 16.15 6.07 15.00
CA LYS A 125 15.96 4.62 14.96
C LYS A 125 16.11 4.21 13.51
N VAL A 126 17.10 3.36 13.24
CA VAL A 126 17.40 2.92 11.88
C VAL A 126 17.04 1.46 11.58
N LEU A 127 16.42 1.25 10.43
CA LEU A 127 16.05 -0.07 9.97
C LEU A 127 16.62 -0.27 8.56
N VAL A 128 17.45 -1.28 8.40
CA VAL A 128 18.02 -1.58 7.10
C VAL A 128 17.23 -2.72 6.45
N VAL A 129 16.71 -2.45 5.27
CA VAL A 129 15.93 -3.45 4.53
C VAL A 129 16.75 -3.97 3.36
N GLY A 130 17.45 -3.05 2.68
CA GLY A 130 18.26 -3.42 1.53
C GLY A 130 19.30 -4.49 1.84
N ASN A 131 19.38 -5.49 0.98
CA ASN A 131 20.31 -6.60 1.18
C ASN A 131 21.74 -6.33 0.71
N PRO A 132 22.71 -6.99 1.36
CA PRO A 132 22.50 -7.92 2.48
C PRO A 132 22.20 -7.11 3.75
N ALA A 133 20.94 -7.15 4.17
CA ALA A 133 20.47 -6.40 5.34
C ALA A 133 21.36 -6.37 6.57
N ASN A 134 21.65 -7.54 7.15
CA ASN A 134 22.45 -7.61 8.36
C ASN A 134 23.84 -6.97 8.23
N THR A 135 24.54 -7.31 7.15
CA THR A 135 25.87 -6.78 6.94
C THR A 135 25.89 -5.30 6.54
N ASN A 136 24.85 -4.85 5.84
CA ASN A 136 24.79 -3.45 5.46
C ASN A 136 24.56 -2.63 6.74
N ALA A 137 23.83 -3.23 7.68
CA ALA A 137 23.53 -2.59 8.95
C ALA A 137 24.84 -2.42 9.74
N LEU A 138 25.67 -3.46 9.69
CA LEU A 138 26.96 -3.47 10.37
C LEU A 138 27.83 -2.32 9.82
N ILE A 139 27.91 -2.24 8.50
CA ILE A 139 28.69 -1.20 7.84
C ILE A 139 28.20 0.19 8.26
N ALA A 140 26.88 0.36 8.29
CA ALA A 140 26.27 1.63 8.65
C ALA A 140 26.61 2.12 10.06
N TYR A 141 26.34 1.28 11.06
CA TYR A 141 26.60 1.70 12.43
C TYR A 141 28.09 1.77 12.72
N LYS A 142 28.88 0.99 12.00
CA LYS A 142 30.32 1.01 12.19
C LYS A 142 30.84 2.36 11.72
N ASN A 143 30.18 2.91 10.70
CA ASN A 143 30.55 4.19 10.14
C ASN A 143 29.76 5.33 10.74
N ALA A 144 29.14 5.06 11.88
CA ALA A 144 28.35 6.05 12.60
C ALA A 144 28.68 6.00 14.08
N PRO A 145 29.99 6.03 14.43
CA PRO A 145 30.37 5.98 15.84
C PRO A 145 29.71 7.17 16.55
N GLY A 146 29.46 7.03 17.84
CA GLY A 146 28.81 8.12 18.53
C GLY A 146 27.34 7.76 18.64
N LEU A 147 26.71 7.50 17.49
CA LEU A 147 25.30 7.09 17.50
C LEU A 147 25.28 5.70 18.10
N ASN A 148 24.35 5.45 19.01
CA ASN A 148 24.24 4.15 19.65
C ASN A 148 24.00 3.05 18.62
N PRO A 149 24.95 2.11 18.51
CA PRO A 149 24.82 0.99 17.55
C PRO A 149 23.51 0.21 17.70
N ARG A 150 22.99 0.15 18.93
CA ARG A 150 21.75 -0.56 19.20
C ARG A 150 20.55 0.08 18.51
N ASN A 151 20.73 1.29 17.98
CA ASN A 151 19.64 1.95 17.28
C ASN A 151 19.66 1.58 15.81
N PHE A 152 20.61 0.73 15.44
CA PHE A 152 20.73 0.26 14.05
C PHE A 152 20.27 -1.19 14.00
N THR A 153 19.30 -1.47 13.15
CA THR A 153 18.76 -2.82 13.03
C THR A 153 18.58 -3.22 11.56
N ALA A 154 18.41 -4.52 11.33
CA ALA A 154 18.21 -5.06 10.00
C ALA A 154 16.87 -5.80 10.03
N MET A 155 16.23 -5.97 8.88
CA MET A 155 14.92 -6.61 8.87
C MET A 155 14.81 -8.11 8.58
N THR A 156 14.25 -8.84 9.55
CA THR A 156 13.99 -10.27 9.41
C THR A 156 12.50 -10.46 9.65
N ARG A 157 11.78 -9.35 9.82
CA ARG A 157 10.35 -9.41 10.07
C ARG A 157 9.58 -10.07 8.93
N LEU A 158 10.08 -9.97 7.70
CA LEU A 158 9.37 -10.63 6.59
C LEU A 158 9.48 -12.14 6.75
N ASP A 159 10.66 -12.62 7.12
CA ASP A 159 10.87 -14.07 7.35
C ASP A 159 9.94 -14.48 8.49
N HIS A 160 9.92 -13.64 9.52
CA HIS A 160 9.10 -13.85 10.71
C HIS A 160 7.61 -13.99 10.34
N ASN A 161 7.10 -13.03 9.58
CA ASN A 161 5.71 -13.05 9.17
C ASN A 161 5.39 -14.24 8.27
N ARG A 162 6.31 -14.56 7.37
CA ARG A 162 6.15 -15.69 6.47
C ARG A 162 6.04 -16.98 7.27
N ALA A 163 6.80 -17.06 8.36
CA ALA A 163 6.80 -18.24 9.21
C ALA A 163 5.47 -18.36 9.93
N LYS A 164 4.98 -17.24 10.45
CA LYS A 164 3.70 -17.28 11.14
C LYS A 164 2.61 -17.71 10.17
N ALA A 165 2.71 -17.23 8.93
CA ALA A 165 1.74 -17.54 7.89
C ALA A 165 1.73 -19.05 7.58
N GLN A 166 2.91 -19.63 7.44
CA GLN A 166 3.01 -21.07 7.16
C GLN A 166 2.47 -21.92 8.30
N LEU A 167 2.74 -21.51 9.53
CA LEU A 167 2.26 -22.28 10.68
C LEU A 167 0.74 -22.19 10.77
N ALA A 168 0.21 -21.00 10.50
CA ALA A 168 -1.23 -20.78 10.51
C ALA A 168 -1.92 -21.63 9.44
N LYS A 169 -1.35 -21.62 8.24
CA LYS A 169 -1.91 -22.41 7.15
C LYS A 169 -1.90 -23.90 7.49
N LYS A 170 -0.78 -24.37 8.02
CA LYS A 170 -0.63 -25.77 8.38
C LYS A 170 -1.61 -26.22 9.46
N THR A 171 -1.76 -25.41 10.50
CA THR A 171 -2.64 -25.75 11.62
C THR A 171 -4.10 -25.39 11.43
N GLY A 172 -4.43 -24.71 10.34
CA GLY A 172 -5.80 -24.32 10.09
C GLY A 172 -6.34 -23.32 11.10
N THR A 173 -5.44 -22.51 11.68
CA THR A 173 -5.85 -21.53 12.66
C THR A 173 -5.58 -20.11 12.15
N GLY A 174 -6.20 -19.12 12.78
CA GLY A 174 -6.00 -17.74 12.36
C GLY A 174 -4.57 -17.32 12.63
N VAL A 175 -3.97 -16.58 11.70
CA VAL A 175 -2.61 -16.16 11.90
C VAL A 175 -2.49 -15.25 13.11
N ASP A 176 -3.57 -14.56 13.47
CA ASP A 176 -3.56 -13.69 14.63
C ASP A 176 -3.43 -14.52 15.92
N ARG A 177 -3.61 -15.83 15.80
CA ARG A 177 -3.51 -16.73 16.94
C ARG A 177 -2.09 -17.27 17.10
N ILE A 178 -1.22 -16.89 16.18
CA ILE A 178 0.18 -17.35 16.21
C ILE A 178 1.07 -16.39 17.01
N ARG A 179 1.68 -16.90 18.07
CA ARG A 179 2.54 -16.05 18.89
C ARG A 179 3.90 -16.68 19.20
N ARG A 180 4.83 -15.83 19.61
CA ARG A 180 6.18 -16.24 19.97
C ARG A 180 6.97 -16.95 18.87
N MET A 181 6.81 -16.44 17.65
CA MET A 181 7.54 -16.99 16.52
C MET A 181 8.91 -16.34 16.61
N THR A 182 9.93 -17.04 16.17
CA THR A 182 11.27 -16.48 16.22
C THR A 182 12.06 -16.85 14.97
N VAL A 183 12.78 -15.88 14.43
CA VAL A 183 13.64 -16.10 13.28
C VAL A 183 15.00 -15.65 13.79
N TRP A 184 15.95 -16.57 13.86
CA TRP A 184 17.29 -16.23 14.35
C TRP A 184 18.30 -15.99 13.23
N GLY A 185 19.28 -15.14 13.51
CA GLY A 185 20.35 -14.91 12.58
C GLY A 185 20.31 -13.93 11.42
N ASN A 186 20.87 -14.39 10.31
CA ASN A 186 20.98 -13.60 9.10
C ASN A 186 19.77 -13.66 8.19
N HIS A 187 19.47 -12.56 7.52
CA HIS A 187 18.37 -12.56 6.58
C HIS A 187 18.96 -13.16 5.31
N SER A 188 18.97 -14.48 5.24
CA SER A 188 19.52 -15.20 4.11
C SER A 188 19.01 -16.63 4.17
N SER A 189 19.55 -17.50 3.32
CA SER A 189 19.13 -18.89 3.29
C SER A 189 19.48 -19.66 4.57
N THR A 190 20.39 -19.13 5.39
CA THR A 190 20.75 -19.81 6.64
C THR A 190 19.84 -19.35 7.78
N MET A 191 18.87 -18.51 7.46
CA MET A 191 17.94 -18.00 8.47
C MET A 191 17.31 -19.19 9.21
N PHE A 192 17.12 -19.05 10.51
CA PHE A 192 16.54 -20.13 11.28
C PHE A 192 15.20 -19.82 11.95
N PRO A 193 14.10 -20.32 11.37
CA PRO A 193 12.76 -20.08 11.94
C PRO A 193 12.51 -21.08 13.09
N ASP A 194 12.41 -20.53 14.30
CA ASP A 194 12.24 -21.29 15.53
C ASP A 194 10.78 -21.55 15.95
N LEU A 195 10.41 -22.83 16.01
CA LEU A 195 9.05 -23.22 16.40
C LEU A 195 8.98 -23.80 17.80
N PHE A 196 10.15 -23.96 18.42
CA PHE A 196 10.24 -24.53 19.76
C PHE A 196 9.55 -23.77 20.88
N HIS A 197 9.32 -22.48 20.70
CA HIS A 197 8.67 -21.68 21.72
C HIS A 197 7.39 -21.00 21.22
N ALA A 198 7.04 -21.27 19.97
CA ALA A 198 5.85 -20.67 19.37
C ALA A 198 4.58 -21.37 19.84
N GLU A 199 3.48 -20.61 19.90
CA GLU A 199 2.21 -21.17 20.32
C GLU A 199 1.12 -20.87 19.30
N VAL A 200 0.19 -21.81 19.17
CA VAL A 200 -0.93 -21.67 18.24
C VAL A 200 -2.19 -21.67 19.10
N ASP A 201 -2.75 -20.48 19.29
CA ASP A 201 -3.94 -20.31 20.11
C ASP A 201 -3.62 -20.75 21.55
N GLY A 202 -2.42 -20.43 22.00
CA GLY A 202 -2.01 -20.77 23.36
C GLY A 202 -1.43 -22.16 23.56
N ARG A 203 -1.29 -22.91 22.47
CA ARG A 203 -0.74 -24.26 22.56
C ARG A 203 0.61 -24.38 21.85
N PRO A 204 1.55 -25.13 22.44
CA PRO A 204 2.88 -25.30 21.84
C PRO A 204 2.76 -25.81 20.40
N ALA A 205 3.42 -25.12 19.47
CA ALA A 205 3.37 -25.48 18.06
C ALA A 205 3.74 -26.94 17.78
N LEU A 206 4.82 -27.42 18.38
CA LEU A 206 5.27 -28.79 18.16
C LEU A 206 4.32 -29.86 18.69
N GLU A 207 3.21 -29.42 19.28
CA GLU A 207 2.20 -30.36 19.76
C GLU A 207 1.18 -30.54 18.64
N LEU A 208 1.27 -29.67 17.64
CA LEU A 208 0.37 -29.69 16.50
C LEU A 208 1.04 -30.15 15.21
N VAL A 209 2.36 -29.95 15.12
CA VAL A 209 3.13 -30.37 13.94
C VAL A 209 4.36 -31.15 14.41
N ASP A 210 4.89 -32.04 13.56
CA ASP A 210 6.06 -32.82 13.95
C ASP A 210 7.37 -32.31 13.35
N MET A 211 8.48 -32.86 13.84
CA MET A 211 9.80 -32.47 13.39
C MET A 211 10.05 -32.68 11.91
N GLU A 212 9.46 -33.73 11.33
CA GLU A 212 9.65 -33.99 9.90
C GLU A 212 9.08 -32.86 9.08
N TRP A 213 7.85 -32.47 9.36
CA TRP A 213 7.20 -31.37 8.64
C TRP A 213 8.02 -30.10 8.88
N TYR A 214 8.33 -29.86 10.15
CA TYR A 214 9.09 -28.68 10.55
C TYR A 214 10.39 -28.56 9.75
N GLU A 215 11.22 -29.59 9.79
CA GLU A 215 12.51 -29.57 9.09
C GLU A 215 12.48 -29.67 7.57
N LYS A 216 11.64 -30.55 7.03
CA LYS A 216 11.60 -30.74 5.58
C LYS A 216 10.59 -29.88 4.82
N VAL A 217 9.59 -29.35 5.51
CA VAL A 217 8.60 -28.53 4.83
C VAL A 217 8.59 -27.06 5.28
N PHE A 218 8.46 -26.84 6.58
CA PHE A 218 8.42 -25.50 7.13
C PHE A 218 9.66 -24.65 6.83
N ILE A 219 10.84 -25.11 7.25
CA ILE A 219 12.08 -24.38 7.03
C ILE A 219 12.35 -24.07 5.55
N PRO A 220 12.27 -25.10 4.69
CA PRO A 220 12.52 -24.87 3.26
C PRO A 220 11.53 -23.90 2.62
N THR A 221 10.26 -24.02 2.97
CA THR A 221 9.23 -23.17 2.39
C THR A 221 9.43 -21.71 2.81
N VAL A 222 9.76 -21.49 4.08
CA VAL A 222 9.99 -20.13 4.55
C VAL A 222 11.21 -19.55 3.85
N ALA A 223 12.27 -20.35 3.77
CA ALA A 223 13.50 -19.91 3.14
C ALA A 223 13.36 -19.61 1.65
N GLN A 224 12.52 -20.38 0.96
CA GLN A 224 12.34 -20.20 -0.48
C GLN A 224 11.17 -19.29 -0.86
N ARG A 225 10.42 -18.84 0.14
CA ARG A 225 9.26 -17.99 -0.12
C ARG A 225 9.56 -16.82 -1.05
N GLY A 226 10.71 -16.20 -0.87
CA GLY A 226 11.09 -15.07 -1.71
C GLY A 226 11.13 -15.48 -3.17
N ALA A 227 11.72 -16.64 -3.44
CA ALA A 227 11.82 -17.15 -4.80
C ALA A 227 10.45 -17.54 -5.31
N ALA A 228 9.60 -18.04 -4.43
CA ALA A 228 8.25 -18.45 -4.81
C ALA A 228 7.48 -17.26 -5.36
N ILE A 229 7.67 -16.10 -4.73
CA ILE A 229 7.00 -14.89 -5.17
C ILE A 229 7.49 -14.52 -6.56
N ILE A 230 8.80 -14.53 -6.75
CA ILE A 230 9.41 -14.19 -8.03
C ILE A 230 8.95 -15.08 -9.19
N GLN A 231 8.87 -16.39 -8.99
CA GLN A 231 8.43 -17.27 -10.06
C GLN A 231 6.97 -17.05 -10.40
N ALA A 232 6.18 -16.68 -9.39
CA ALA A 232 4.76 -16.44 -9.59
C ALA A 232 4.44 -15.09 -10.23
N ARG A 233 5.01 -14.02 -9.67
CA ARG A 233 4.75 -12.67 -10.16
C ARG A 233 5.74 -12.16 -11.20
N GLY A 234 6.95 -12.71 -11.19
CA GLY A 234 7.97 -12.25 -12.12
C GLY A 234 8.61 -11.00 -11.55
N ALA A 235 8.33 -10.74 -10.28
CA ALA A 235 8.86 -9.59 -9.57
C ALA A 235 8.99 -9.93 -8.09
N SER A 236 9.89 -9.24 -7.39
CA SER A 236 10.12 -9.50 -5.98
C SER A 236 8.92 -9.13 -5.10
N SER A 237 8.93 -9.61 -3.86
CA SER A 237 7.85 -9.38 -2.90
C SER A 237 7.88 -8.02 -2.20
N ALA A 238 7.61 -6.97 -2.96
CA ALA A 238 7.62 -5.59 -2.46
C ALA A 238 6.57 -5.23 -1.41
N ALA A 239 5.30 -5.54 -1.68
CA ALA A 239 4.23 -5.20 -0.74
C ALA A 239 4.37 -5.86 0.63
N SER A 240 4.78 -7.13 0.64
CA SER A 240 4.92 -7.83 1.91
C SER A 240 6.16 -7.35 2.65
N ALA A 241 7.19 -6.97 1.89
CA ALA A 241 8.42 -6.48 2.48
C ALA A 241 8.14 -5.13 3.13
N ALA A 242 7.37 -4.29 2.44
CA ALA A 242 7.02 -2.98 2.96
C ALA A 242 6.21 -3.13 4.23
N ASN A 243 5.29 -4.09 4.24
CA ASN A 243 4.47 -4.35 5.41
C ASN A 243 5.35 -4.79 6.58
N ALA A 244 6.32 -5.64 6.29
CA ALA A 244 7.24 -6.11 7.33
C ALA A 244 8.03 -4.95 7.91
N ALA A 245 8.41 -4.00 7.06
CA ALA A 245 9.16 -2.83 7.50
C ALA A 245 8.29 -1.99 8.44
N ILE A 246 7.04 -1.82 8.05
CA ILE A 246 6.08 -1.05 8.84
C ILE A 246 5.90 -1.65 10.22
N GLU A 247 5.75 -2.97 10.29
CA GLU A 247 5.55 -3.65 11.58
C GLU A 247 6.82 -3.64 12.44
N HIS A 248 7.98 -3.79 11.79
CA HIS A 248 9.26 -3.77 12.50
C HIS A 248 9.39 -2.44 13.26
N ILE A 249 9.16 -1.34 12.56
CA ILE A 249 9.26 -0.03 13.19
C ILE A 249 8.13 0.20 14.19
N ARG A 250 6.92 -0.16 13.81
CA ARG A 250 5.75 0.01 14.67
C ARG A 250 5.88 -0.68 16.03
N ASP A 251 6.26 -1.96 16.02
CA ASP A 251 6.39 -2.72 17.27
C ASP A 251 7.58 -2.25 18.11
N TRP A 252 8.54 -1.62 17.44
CA TRP A 252 9.73 -1.10 18.08
C TRP A 252 9.39 0.24 18.72
N ALA A 253 8.71 1.09 17.96
CA ALA A 253 8.33 2.42 18.41
C ALA A 253 7.17 2.45 19.39
N LEU A 254 6.16 1.63 19.13
CA LEU A 254 4.99 1.62 20.00
C LEU A 254 5.13 0.54 21.06
N GLY A 255 5.19 -0.72 20.64
CA GLY A 255 5.35 -1.79 21.60
C GLY A 255 4.83 -3.14 21.13
N THR A 256 5.49 -4.20 21.59
CA THR A 256 5.10 -5.56 21.22
C THR A 256 3.93 -6.02 22.10
N PRO A 257 3.12 -6.97 21.62
CA PRO A 257 1.97 -7.49 22.38
C PRO A 257 2.35 -8.13 23.71
N GLU A 258 1.48 -7.99 24.70
CA GLU A 258 1.69 -8.56 26.02
C GLU A 258 1.82 -10.08 25.92
N GLY A 259 2.91 -10.63 26.46
CA GLY A 259 3.12 -12.07 26.40
C GLY A 259 3.61 -12.61 25.07
N ASP A 260 3.96 -11.71 24.15
CA ASP A 260 4.42 -12.10 22.82
C ASP A 260 5.76 -11.41 22.55
N TRP A 261 6.36 -11.69 21.41
CA TRP A 261 7.62 -11.04 21.04
C TRP A 261 7.75 -11.08 19.52
N VAL A 262 8.73 -10.39 18.97
CA VAL A 262 8.94 -10.38 17.53
C VAL A 262 10.40 -10.63 17.21
N SER A 263 10.72 -10.65 15.92
CA SER A 263 12.10 -10.88 15.50
C SER A 263 12.70 -9.60 14.95
N MET A 264 13.93 -9.30 15.38
CA MET A 264 14.66 -8.13 14.93
C MET A 264 16.15 -8.45 14.88
N ALA A 265 16.83 -8.06 13.81
CA ALA A 265 18.26 -8.29 13.70
C ALA A 265 18.92 -7.07 14.34
N VAL A 266 19.62 -7.28 15.45
CA VAL A 266 20.25 -6.18 16.16
C VAL A 266 21.70 -6.49 16.49
N PRO A 267 22.52 -5.45 16.73
CA PRO A 267 23.92 -5.68 17.06
C PRO A 267 24.00 -6.60 18.28
N SER A 268 24.70 -7.71 18.14
CA SER A 268 24.83 -8.69 19.22
C SER A 268 25.65 -8.23 20.41
N GLN A 269 25.22 -8.61 21.60
CA GLN A 269 25.93 -8.28 22.82
C GLN A 269 26.24 -9.55 23.59
N GLY A 270 26.38 -10.65 22.86
CA GLY A 270 26.69 -11.92 23.49
C GLY A 270 25.50 -12.73 23.94
N GLU A 271 24.29 -12.24 23.68
CA GLU A 271 23.10 -12.98 24.08
C GLU A 271 23.12 -14.36 23.44
N TYR A 272 22.80 -15.38 24.24
CA TYR A 272 22.78 -16.75 23.75
C TYR A 272 24.13 -17.19 23.19
N GLY A 273 25.18 -16.47 23.55
CA GLY A 273 26.51 -16.83 23.08
C GLY A 273 26.83 -16.43 21.66
N ILE A 274 26.01 -15.56 21.07
CA ILE A 274 26.27 -15.12 19.71
C ILE A 274 27.44 -14.13 19.69
N PRO A 275 28.35 -14.26 18.71
CA PRO A 275 29.48 -13.35 18.60
C PRO A 275 29.05 -11.89 18.70
N GLU A 276 29.86 -11.08 19.37
CA GLU A 276 29.56 -9.67 19.57
C GLU A 276 29.74 -8.83 18.31
N GLY A 277 28.94 -7.78 18.17
CA GLY A 277 29.05 -6.90 17.02
C GLY A 277 28.20 -7.20 15.80
N ILE A 278 28.14 -8.45 15.38
CA ILE A 278 27.36 -8.81 14.21
C ILE A 278 25.87 -8.58 14.41
N VAL A 279 25.20 -8.06 13.38
CA VAL A 279 23.77 -7.80 13.47
C VAL A 279 23.09 -9.16 13.30
N TYR A 280 22.48 -9.62 14.38
CA TYR A 280 21.85 -10.94 14.43
C TYR A 280 20.39 -10.87 14.88
N SER A 281 19.52 -11.57 14.17
CA SER A 281 18.10 -11.58 14.52
C SER A 281 17.85 -12.36 15.80
N PHE A 282 17.16 -11.72 16.74
CA PHE A 282 16.85 -12.31 18.04
C PHE A 282 15.37 -12.13 18.37
N PRO A 283 14.83 -12.99 19.24
CA PRO A 283 13.43 -12.85 19.62
C PRO A 283 13.49 -11.65 20.58
N VAL A 284 12.66 -10.63 20.36
CA VAL A 284 12.70 -9.47 21.24
C VAL A 284 11.35 -8.85 21.56
N THR A 285 11.29 -8.18 22.71
CA THR A 285 10.10 -7.46 23.12
C THR A 285 10.53 -6.00 23.02
N ALA A 286 9.58 -5.10 22.79
CA ALA A 286 9.95 -3.71 22.68
C ALA A 286 8.86 -2.79 23.17
N LYS A 287 9.26 -1.59 23.55
CA LYS A 287 8.35 -0.59 24.05
C LYS A 287 8.97 0.79 23.93
N ASP A 288 8.21 1.73 23.37
CA ASP A 288 8.65 3.12 23.23
C ASP A 288 10.06 3.35 22.68
N GLY A 289 10.41 2.65 21.61
CA GLY A 289 11.71 2.83 20.99
C GLY A 289 12.87 2.06 21.58
N ALA A 290 12.60 1.19 22.53
CA ALA A 290 13.64 0.39 23.16
C ALA A 290 13.26 -1.07 23.16
N TYR A 291 14.18 -1.92 22.71
CA TYR A 291 13.92 -3.35 22.66
C TYR A 291 14.80 -4.11 23.63
N ARG A 292 14.40 -5.34 23.92
CA ARG A 292 15.14 -6.21 24.83
C ARG A 292 15.10 -7.63 24.28
N VAL A 293 16.27 -8.26 24.15
CA VAL A 293 16.32 -9.63 23.66
C VAL A 293 15.67 -10.52 24.70
N VAL A 294 14.85 -11.46 24.26
CA VAL A 294 14.20 -12.39 25.18
C VAL A 294 15.24 -13.46 25.49
N GLU A 295 15.86 -13.37 26.66
CA GLU A 295 16.88 -14.34 27.03
C GLU A 295 16.31 -15.43 27.92
N GLY A 296 17.10 -16.46 28.16
CA GLY A 296 16.65 -17.55 29.03
C GLY A 296 15.81 -18.62 28.36
N LEU A 297 15.63 -18.52 27.05
CA LEU A 297 14.83 -19.53 26.33
C LEU A 297 15.67 -20.80 26.20
N GLU A 298 15.03 -21.95 26.34
CA GLU A 298 15.73 -23.22 26.21
C GLU A 298 16.11 -23.42 24.74
N ILE A 299 17.37 -23.76 24.51
CA ILE A 299 17.88 -23.98 23.15
C ILE A 299 18.40 -25.42 23.02
N ASN A 300 17.67 -26.27 22.29
CA ASN A 300 18.12 -27.64 22.11
C ASN A 300 19.17 -27.73 20.99
N GLU A 301 19.67 -28.93 20.72
CA GLU A 301 20.69 -29.09 19.70
C GLU A 301 20.24 -28.68 18.30
N PHE A 302 18.99 -29.01 17.94
CA PHE A 302 18.48 -28.64 16.61
C PHE A 302 18.58 -27.14 16.40
N ALA A 303 18.07 -26.38 17.36
CA ALA A 303 18.09 -24.92 17.28
C ALA A 303 19.52 -24.36 17.33
N ARG A 304 20.31 -24.86 18.28
CA ARG A 304 21.68 -24.40 18.46
C ARG A 304 22.55 -24.57 17.21
N LYS A 305 22.47 -25.74 16.59
CA LYS A 305 23.24 -26.01 15.39
C LYS A 305 22.93 -25.00 14.29
N ARG A 306 21.65 -24.72 14.10
CA ARG A 306 21.23 -23.77 13.08
C ARG A 306 21.55 -22.33 13.43
N MET A 307 21.57 -22.03 14.73
CA MET A 307 21.90 -20.68 15.19
C MET A 307 23.37 -20.43 14.92
N GLU A 308 24.19 -21.46 15.14
CA GLU A 308 25.63 -21.36 14.93
C GLU A 308 25.97 -21.24 13.44
N ILE A 309 25.27 -22.00 12.61
CA ILE A 309 25.51 -21.95 11.17
C ILE A 309 25.27 -20.54 10.64
N THR A 310 24.15 -19.94 11.02
CA THR A 310 23.85 -18.60 10.53
C THR A 310 24.80 -17.57 11.15
N ALA A 311 25.22 -17.80 12.39
CA ALA A 311 26.14 -16.87 13.06
C ALA A 311 27.50 -16.88 12.36
N GLN A 312 27.94 -18.07 11.95
CA GLN A 312 29.22 -18.21 11.26
C GLN A 312 29.20 -17.50 9.92
N GLU A 313 28.05 -17.57 9.23
CA GLU A 313 27.91 -16.90 7.95
C GLU A 313 28.05 -15.41 8.17
N LEU A 314 27.44 -14.90 9.23
CA LEU A 314 27.52 -13.47 9.55
C LEU A 314 28.95 -13.09 9.87
N LEU A 315 29.67 -13.98 10.56
CA LEU A 315 31.06 -13.71 10.90
C LEU A 315 31.86 -13.59 9.61
N ASP A 316 31.63 -14.52 8.68
CA ASP A 316 32.34 -14.51 7.42
C ASP A 316 32.09 -13.19 6.69
N GLU A 317 30.81 -12.84 6.52
CA GLU A 317 30.45 -11.61 5.85
C GLU A 317 31.13 -10.42 6.49
N MET A 318 31.22 -10.44 7.82
CA MET A 318 31.87 -9.37 8.57
C MET A 318 33.36 -9.34 8.22
N GLU A 319 33.96 -10.53 8.15
CA GLU A 319 35.37 -10.66 7.82
C GLU A 319 35.67 -10.03 6.46
N GLN A 320 34.86 -10.37 5.47
CA GLN A 320 35.03 -9.84 4.12
C GLN A 320 34.95 -8.32 4.08
N VAL A 321 34.01 -7.76 4.82
CA VAL A 321 33.86 -6.30 4.86
C VAL A 321 35.06 -5.67 5.56
N LYS A 322 35.50 -6.29 6.65
CA LYS A 322 36.65 -5.78 7.39
C LYS A 322 37.90 -5.85 6.52
N ALA A 323 37.99 -6.90 5.71
CA ALA A 323 39.13 -7.09 4.82
C ALA A 323 39.20 -5.97 3.79
N LEU A 324 38.04 -5.45 3.41
CA LEU A 324 37.99 -4.37 2.43
C LEU A 324 38.19 -3.01 3.10
N GLY A 325 38.39 -3.03 4.42
CA GLY A 325 38.59 -1.79 5.14
C GLY A 325 37.30 -1.01 5.33
N LEU A 326 36.17 -1.63 5.01
CA LEU A 326 34.88 -0.97 5.14
C LEU A 326 34.53 -0.69 6.59
N ILE A 327 35.11 -1.48 7.50
CA ILE A 327 34.87 -1.31 8.93
C ILE A 327 36.15 -1.59 9.71
N MET B 1 -15.52 -9.18 16.92
CA MET B 1 -16.99 -9.22 17.20
C MET B 1 -17.80 -9.21 15.92
N LYS B 2 -17.48 -8.32 14.99
CA LYS B 2 -18.21 -8.22 13.74
C LYS B 2 -17.97 -9.38 12.77
N ALA B 3 -19.04 -9.82 12.12
CA ALA B 3 -18.94 -10.91 11.15
C ALA B 3 -18.18 -10.36 9.96
N PRO B 4 -17.40 -11.22 9.28
CA PRO B 4 -16.61 -10.80 8.12
C PRO B 4 -17.50 -10.44 6.93
N VAL B 5 -17.02 -9.52 6.10
CA VAL B 5 -17.76 -9.15 4.90
C VAL B 5 -16.87 -9.61 3.74
N ARG B 6 -17.49 -9.88 2.61
CA ARG B 6 -16.74 -10.35 1.44
C ARG B 6 -16.48 -9.24 0.45
N VAL B 7 -15.21 -9.04 0.14
CA VAL B 7 -14.81 -7.99 -0.79
C VAL B 7 -14.24 -8.62 -2.06
N ALA B 8 -14.98 -8.43 -3.16
CA ALA B 8 -14.57 -8.93 -4.45
C ALA B 8 -13.78 -7.85 -5.17
N VAL B 9 -12.66 -8.24 -5.76
CA VAL B 9 -11.81 -7.31 -6.49
C VAL B 9 -11.40 -7.97 -7.81
N THR B 10 -11.61 -7.27 -8.92
CA THR B 10 -11.24 -7.79 -10.23
C THR B 10 -9.92 -7.12 -10.64
N GLY B 11 -9.29 -7.61 -11.70
CA GLY B 11 -8.02 -7.04 -12.14
C GLY B 11 -7.06 -7.04 -10.96
N ALA B 12 -7.22 -8.04 -10.10
CA ALA B 12 -6.43 -8.16 -8.88
C ALA B 12 -4.93 -8.38 -9.06
N ALA B 13 -4.50 -8.77 -10.27
CA ALA B 13 -3.08 -8.99 -10.50
C ALA B 13 -2.41 -7.79 -11.16
N GLY B 14 -3.17 -6.71 -11.35
CA GLY B 14 -2.62 -5.51 -11.96
C GLY B 14 -2.00 -4.55 -10.95
N GLN B 15 -1.50 -3.42 -11.44
CA GLN B 15 -0.85 -2.42 -10.60
C GLN B 15 -1.75 -1.85 -9.51
N ILE B 16 -2.95 -1.42 -9.89
CA ILE B 16 -3.87 -0.87 -8.89
C ILE B 16 -4.18 -1.93 -7.84
N GLY B 17 -4.42 -3.16 -8.29
CA GLY B 17 -4.71 -4.23 -7.37
C GLY B 17 -3.59 -4.42 -6.37
N TYR B 18 -2.35 -4.36 -6.85
CA TYR B 18 -1.18 -4.54 -6.00
C TYR B 18 -1.08 -3.49 -4.90
N SER B 19 -1.58 -2.28 -5.17
CA SER B 19 -1.53 -1.20 -4.18
C SER B 19 -2.81 -1.20 -3.35
N LEU B 20 -3.84 -1.86 -3.85
CA LEU B 20 -5.14 -1.90 -3.19
C LEU B 20 -5.34 -2.96 -2.12
N LEU B 21 -5.16 -4.22 -2.52
CA LEU B 21 -5.40 -5.36 -1.66
C LEU B 21 -4.79 -5.34 -0.26
N PHE B 22 -3.53 -4.95 -0.14
CA PHE B 22 -2.91 -4.96 1.18
C PHE B 22 -3.51 -3.95 2.16
N ARG B 23 -3.87 -2.76 1.66
CA ARG B 23 -4.47 -1.77 2.55
C ARG B 23 -5.89 -2.18 2.95
N ILE B 24 -6.58 -2.88 2.05
CA ILE B 24 -7.92 -3.35 2.35
C ILE B 24 -7.82 -4.42 3.44
N ALA B 25 -6.90 -5.35 3.25
CA ALA B 25 -6.68 -6.42 4.22
C ALA B 25 -6.21 -5.86 5.57
N ALA B 26 -5.57 -4.69 5.53
CA ALA B 26 -5.08 -4.06 6.76
C ALA B 26 -6.23 -3.39 7.51
N GLY B 27 -7.38 -3.28 6.87
CA GLY B 27 -8.55 -2.68 7.49
C GLY B 27 -8.77 -1.21 7.21
N GLU B 28 -7.98 -0.65 6.30
CA GLU B 28 -8.09 0.76 5.96
C GLU B 28 -9.31 1.16 5.16
N MET B 29 -10.00 0.18 4.56
CA MET B 29 -11.17 0.52 3.77
C MET B 29 -12.48 0.44 4.53
N LEU B 30 -12.68 -0.62 5.31
CA LEU B 30 -13.93 -0.77 6.03
C LEU B 30 -13.84 -0.72 7.56
N GLY B 31 -12.67 -0.35 8.08
CA GLY B 31 -12.51 -0.25 9.53
C GLY B 31 -11.60 -1.31 10.14
N LYS B 32 -10.82 -0.92 11.13
CA LYS B 32 -9.89 -1.82 11.80
C LYS B 32 -10.63 -2.88 12.63
N ASP B 33 -11.94 -2.76 12.69
CA ASP B 33 -12.77 -3.70 13.45
C ASP B 33 -13.55 -4.62 12.52
N GLN B 34 -13.35 -4.46 11.21
CA GLN B 34 -14.10 -5.23 10.24
C GLN B 34 -13.31 -6.28 9.46
N PRO B 35 -13.45 -7.57 9.84
CA PRO B 35 -12.74 -8.65 9.16
C PRO B 35 -13.18 -8.71 7.70
N VAL B 36 -12.27 -9.06 6.80
CA VAL B 36 -12.62 -9.13 5.39
C VAL B 36 -12.19 -10.43 4.72
N ILE B 37 -13.00 -10.87 3.76
CA ILE B 37 -12.72 -12.06 2.97
C ILE B 37 -12.49 -11.55 1.55
N LEU B 38 -11.26 -11.64 1.06
CA LEU B 38 -10.95 -11.17 -0.29
C LEU B 38 -11.17 -12.24 -1.33
N GLN B 39 -12.04 -11.94 -2.29
CA GLN B 39 -12.35 -12.86 -3.38
C GLN B 39 -11.80 -12.14 -4.60
N LEU B 40 -10.69 -12.67 -5.13
CA LEU B 40 -10.01 -12.03 -6.24
C LEU B 40 -10.20 -12.64 -7.63
N LEU B 41 -10.60 -11.80 -8.57
CA LEU B 41 -10.80 -12.22 -9.95
C LEU B 41 -9.61 -11.81 -10.79
N GLY B 42 -9.09 -12.75 -11.57
CA GLY B 42 -7.97 -12.48 -12.44
C GLY B 42 -8.11 -13.29 -13.71
N SER B 43 -7.60 -12.75 -14.83
CA SER B 43 -7.68 -13.47 -16.08
C SER B 43 -6.82 -14.72 -16.01
N GLU B 44 -7.07 -15.66 -16.92
CA GLU B 44 -6.29 -16.90 -16.95
C GLU B 44 -4.83 -16.57 -17.24
N ARG B 45 -4.62 -15.49 -17.98
CA ARG B 45 -3.27 -15.05 -18.35
C ARG B 45 -2.52 -14.49 -17.15
N SER B 46 -3.25 -14.10 -16.11
CA SER B 46 -2.61 -13.51 -14.94
C SER B 46 -2.81 -14.32 -13.65
N PHE B 47 -3.52 -15.44 -13.74
CA PHE B 47 -3.78 -16.24 -12.55
C PHE B 47 -2.50 -16.66 -11.83
N GLN B 48 -1.42 -16.85 -12.58
CA GLN B 48 -0.14 -17.23 -11.99
C GLN B 48 0.36 -16.11 -11.09
N ALA B 49 0.39 -14.90 -11.64
CA ALA B 49 0.83 -13.74 -10.89
C ALA B 49 -0.10 -13.49 -9.72
N LEU B 50 -1.39 -13.75 -9.94
CA LEU B 50 -2.37 -13.55 -8.88
C LEU B 50 -2.04 -14.43 -7.68
N GLU B 51 -1.68 -15.69 -7.94
CA GLU B 51 -1.34 -16.59 -6.85
C GLU B 51 -0.14 -16.01 -6.11
N GLY B 52 0.68 -15.24 -6.83
CA GLY B 52 1.84 -14.62 -6.23
C GLY B 52 1.41 -13.53 -5.26
N VAL B 53 0.38 -12.78 -5.63
CA VAL B 53 -0.15 -11.70 -4.79
C VAL B 53 -0.81 -12.34 -3.57
N VAL B 54 -1.44 -13.49 -3.78
CA VAL B 54 -2.10 -14.19 -2.67
C VAL B 54 -1.05 -14.57 -1.62
N MET B 55 0.11 -15.03 -2.05
CA MET B 55 1.15 -15.40 -1.10
C MET B 55 1.66 -14.18 -0.33
N GLU B 56 1.84 -13.06 -1.03
CA GLU B 56 2.31 -11.85 -0.35
C GLU B 56 1.31 -11.39 0.69
N LEU B 57 0.03 -11.52 0.37
CA LEU B 57 -1.01 -11.14 1.32
C LEU B 57 -0.91 -12.01 2.56
N GLU B 58 -0.74 -13.32 2.36
CA GLU B 58 -0.61 -14.22 3.49
C GLU B 58 0.63 -13.85 4.29
N ASP B 59 1.67 -13.42 3.60
CA ASP B 59 2.93 -13.06 4.25
C ASP B 59 2.88 -11.77 5.07
N CYS B 60 1.73 -11.10 5.07
CA CYS B 60 1.59 -9.88 5.86
C CYS B 60 0.99 -10.22 7.21
N ALA B 61 0.47 -11.43 7.32
CA ALA B 61 -0.14 -11.90 8.56
C ALA B 61 -1.18 -10.90 9.08
N PHE B 62 -2.12 -10.53 8.22
CA PHE B 62 -3.17 -9.59 8.58
C PHE B 62 -4.24 -10.24 9.45
N PRO B 63 -4.47 -9.73 10.66
CA PRO B 63 -5.47 -10.28 11.57
C PRO B 63 -6.91 -10.16 11.07
N LEU B 64 -7.15 -9.23 10.16
CA LEU B 64 -8.50 -9.03 9.65
C LEU B 64 -8.80 -9.82 8.38
N LEU B 65 -7.80 -10.45 7.78
CA LEU B 65 -8.03 -11.20 6.56
C LEU B 65 -8.56 -12.57 6.95
N ALA B 66 -9.88 -12.67 7.03
CA ALA B 66 -10.56 -13.91 7.44
C ALA B 66 -10.73 -14.92 6.31
N GLY B 67 -10.48 -14.48 5.07
CA GLY B 67 -10.62 -15.37 3.94
C GLY B 67 -9.87 -14.81 2.76
N LEU B 68 -9.36 -15.70 1.91
CA LEU B 68 -8.62 -15.28 0.73
C LEU B 68 -8.80 -16.32 -0.36
N GLU B 69 -9.43 -15.92 -1.46
CA GLU B 69 -9.69 -16.85 -2.56
C GLU B 69 -9.53 -16.19 -3.93
N ALA B 70 -8.71 -16.80 -4.78
CA ALA B 70 -8.51 -16.28 -6.13
C ALA B 70 -9.20 -17.21 -7.10
N THR B 71 -9.81 -16.63 -8.13
CA THR B 71 -10.53 -17.41 -9.13
C THR B 71 -10.54 -16.73 -10.48
N ASP B 72 -10.97 -17.45 -11.51
CA ASP B 72 -11.06 -16.92 -12.86
C ASP B 72 -12.53 -16.87 -13.25
N ASP B 73 -13.39 -17.22 -12.31
CA ASP B 73 -14.83 -17.25 -12.53
C ASP B 73 -15.55 -16.12 -11.80
N PRO B 74 -16.19 -15.20 -12.54
CA PRO B 74 -16.91 -14.07 -11.95
C PRO B 74 -18.00 -14.48 -10.95
N LYS B 75 -18.65 -15.61 -11.23
CA LYS B 75 -19.73 -16.08 -10.35
C LYS B 75 -19.17 -16.58 -9.03
N VAL B 76 -17.88 -16.92 -9.02
CA VAL B 76 -17.23 -17.38 -7.79
C VAL B 76 -16.74 -16.15 -7.04
N ALA B 77 -16.03 -15.28 -7.74
CA ALA B 77 -15.51 -14.06 -7.12
C ALA B 77 -16.58 -13.17 -6.51
N PHE B 78 -17.74 -13.10 -7.15
CA PHE B 78 -18.84 -12.25 -6.67
C PHE B 78 -19.83 -12.94 -5.74
N LYS B 79 -19.62 -14.22 -5.45
CA LYS B 79 -20.53 -14.97 -4.59
C LYS B 79 -20.66 -14.33 -3.21
N ASP B 80 -21.90 -13.99 -2.85
CA ASP B 80 -22.23 -13.36 -1.58
C ASP B 80 -21.42 -12.11 -1.28
N ALA B 81 -20.91 -11.46 -2.32
CA ALA B 81 -20.11 -10.24 -2.14
C ALA B 81 -20.90 -9.11 -1.52
N ASP B 82 -20.26 -8.40 -0.58
CA ASP B 82 -20.88 -7.25 0.08
C ASP B 82 -20.37 -6.01 -0.64
N TYR B 83 -19.18 -6.12 -1.22
CA TYR B 83 -18.53 -5.05 -1.97
C TYR B 83 -17.85 -5.63 -3.19
N ALA B 84 -17.82 -4.87 -4.28
CA ALA B 84 -17.18 -5.33 -5.49
C ALA B 84 -16.49 -4.15 -6.16
N LEU B 85 -15.15 -4.24 -6.25
CA LEU B 85 -14.36 -3.20 -6.88
C LEU B 85 -13.88 -3.73 -8.24
N LEU B 86 -14.52 -3.26 -9.28
CA LEU B 86 -14.20 -3.67 -10.65
C LEU B 86 -13.07 -2.84 -11.23
N VAL B 87 -11.84 -3.32 -11.01
CA VAL B 87 -10.66 -2.63 -11.48
C VAL B 87 -10.24 -3.14 -12.86
N GLY B 88 -10.47 -4.42 -13.11
CA GLY B 88 -10.11 -5.00 -14.38
C GLY B 88 -11.01 -4.59 -15.53
N ALA B 89 -10.41 -4.11 -16.61
CA ALA B 89 -11.15 -3.70 -17.79
C ALA B 89 -10.36 -4.13 -19.01
N ALA B 90 -10.83 -3.78 -20.21
CA ALA B 90 -10.15 -4.15 -21.44
C ALA B 90 -8.68 -3.73 -21.41
N PRO B 91 -7.76 -4.65 -21.78
CA PRO B 91 -6.33 -4.36 -21.79
C PRO B 91 -5.93 -3.39 -22.90
N ARG B 92 -4.72 -2.87 -22.83
CA ARG B 92 -4.22 -1.93 -23.83
C ARG B 92 -3.32 -2.67 -24.82
N LYS B 93 -3.90 -3.05 -25.96
CA LYS B 93 -3.14 -3.76 -26.98
C LYS B 93 -2.98 -2.90 -28.23
N ALA B 94 -1.83 -3.03 -28.88
CA ALA B 94 -1.54 -2.26 -30.10
C ALA B 94 -2.70 -2.40 -31.08
N GLY B 95 -3.13 -3.64 -31.31
CA GLY B 95 -4.23 -3.88 -32.22
C GLY B 95 -5.54 -3.41 -31.63
N MET B 96 -5.71 -3.63 -30.33
CA MET B 96 -6.92 -3.22 -29.62
C MET B 96 -7.27 -1.78 -29.97
N GLU B 97 -8.31 -1.60 -30.76
CA GLU B 97 -8.74 -0.26 -31.18
C GLU B 97 -9.94 0.23 -30.37
N ARG B 98 -10.23 1.52 -30.48
CA ARG B 98 -11.35 2.15 -29.79
C ARG B 98 -12.58 1.26 -29.69
N ARG B 99 -13.38 1.24 -30.76
CA ARG B 99 -14.60 0.45 -30.81
C ARG B 99 -14.37 -1.00 -30.42
N ASP B 100 -13.15 -1.49 -30.64
CA ASP B 100 -12.80 -2.86 -30.29
C ASP B 100 -12.74 -2.97 -28.77
N LEU B 101 -12.13 -1.98 -28.15
CA LEU B 101 -12.00 -1.91 -26.70
C LEU B 101 -13.40 -1.80 -26.09
N LEU B 102 -14.29 -1.13 -26.81
CA LEU B 102 -15.65 -0.95 -26.36
C LEU B 102 -16.37 -2.30 -26.38
N GLN B 103 -16.02 -3.15 -27.33
CA GLN B 103 -16.62 -4.47 -27.42
C GLN B 103 -16.11 -5.36 -26.31
N VAL B 104 -14.83 -5.24 -25.98
CA VAL B 104 -14.26 -6.05 -24.91
C VAL B 104 -14.88 -5.64 -23.58
N ASN B 105 -14.91 -4.33 -23.30
CA ASN B 105 -15.48 -3.85 -22.06
C ASN B 105 -16.98 -4.13 -22.02
N GLY B 106 -17.61 -4.16 -23.19
CA GLY B 106 -19.03 -4.44 -23.24
C GLY B 106 -19.28 -5.83 -22.73
N LYS B 107 -18.40 -6.75 -23.11
CA LYS B 107 -18.50 -8.14 -22.69
C LYS B 107 -18.14 -8.30 -21.21
N ILE B 108 -17.05 -7.66 -20.80
CA ILE B 108 -16.59 -7.74 -19.41
C ILE B 108 -17.65 -7.27 -18.42
N PHE B 109 -18.15 -6.06 -18.64
CA PHE B 109 -19.13 -5.50 -17.73
C PHE B 109 -20.55 -6.03 -17.89
N THR B 110 -20.84 -6.61 -19.05
CA THR B 110 -22.15 -7.22 -19.24
C THR B 110 -22.09 -8.50 -18.41
N GLU B 111 -21.01 -9.26 -18.57
CA GLU B 111 -20.82 -10.51 -17.84
C GLU B 111 -20.72 -10.31 -16.33
N GLN B 112 -19.98 -9.29 -15.90
CA GLN B 112 -19.83 -9.05 -14.47
C GLN B 112 -21.10 -8.46 -13.85
N GLY B 113 -21.81 -7.63 -14.61
CA GLY B 113 -23.05 -7.08 -14.10
C GLY B 113 -24.04 -8.22 -13.87
N ARG B 114 -24.10 -9.15 -14.82
CA ARG B 114 -24.99 -10.29 -14.72
C ARG B 114 -24.59 -11.19 -13.54
N ALA B 115 -23.29 -11.41 -13.38
CA ALA B 115 -22.80 -12.25 -12.30
C ALA B 115 -23.17 -11.65 -10.94
N LEU B 116 -22.98 -10.35 -10.80
CA LEU B 116 -23.31 -9.66 -9.56
C LEU B 116 -24.78 -9.84 -9.22
N ALA B 117 -25.62 -9.63 -10.23
CA ALA B 117 -27.07 -9.74 -10.03
C ALA B 117 -27.47 -11.16 -9.66
N GLU B 118 -26.73 -12.14 -10.17
CA GLU B 118 -27.05 -13.54 -9.89
C GLU B 118 -26.56 -14.08 -8.55
N VAL B 119 -25.29 -13.81 -8.21
CA VAL B 119 -24.71 -14.37 -6.99
C VAL B 119 -24.29 -13.48 -5.82
N ALA B 120 -24.15 -12.17 -6.03
CA ALA B 120 -23.73 -11.30 -4.93
C ALA B 120 -24.87 -10.92 -4.01
N LYS B 121 -24.54 -10.27 -2.89
CA LYS B 121 -25.57 -9.81 -1.98
C LYS B 121 -26.41 -8.83 -2.79
N LYS B 122 -27.72 -8.82 -2.56
CA LYS B 122 -28.57 -7.90 -3.30
C LYS B 122 -28.16 -6.46 -3.04
N ASP B 123 -27.67 -6.18 -1.84
CA ASP B 123 -27.25 -4.82 -1.51
C ASP B 123 -25.74 -4.64 -1.70
N VAL B 124 -25.15 -5.43 -2.60
CA VAL B 124 -23.72 -5.33 -2.85
C VAL B 124 -23.38 -3.92 -3.36
N LYS B 125 -22.34 -3.33 -2.78
CA LYS B 125 -21.90 -1.98 -3.16
C LYS B 125 -20.78 -2.10 -4.20
N VAL B 126 -21.06 -1.59 -5.40
CA VAL B 126 -20.11 -1.69 -6.50
C VAL B 126 -19.40 -0.40 -6.90
N LEU B 127 -18.10 -0.51 -7.15
CA LEU B 127 -17.27 0.63 -7.57
C LEU B 127 -16.49 0.23 -8.81
N VAL B 128 -16.68 0.97 -9.90
CA VAL B 128 -15.96 0.67 -11.13
C VAL B 128 -14.76 1.59 -11.24
N VAL B 129 -13.58 1.00 -11.33
CA VAL B 129 -12.34 1.76 -11.46
C VAL B 129 -11.82 1.64 -12.88
N GLY B 130 -11.91 0.43 -13.43
CA GLY B 130 -11.43 0.20 -14.79
C GLY B 130 -12.07 1.15 -15.79
N ASN B 131 -11.23 1.80 -16.61
CA ASN B 131 -11.70 2.76 -17.60
C ASN B 131 -12.21 2.15 -18.90
N PRO B 132 -13.17 2.84 -19.55
CA PRO B 132 -13.73 4.11 -19.09
C PRO B 132 -14.72 3.84 -17.96
N ALA B 133 -14.35 4.26 -16.75
CA ALA B 133 -15.14 4.03 -15.54
C ALA B 133 -16.65 4.32 -15.59
N ASN B 134 -17.02 5.55 -15.89
CA ASN B 134 -18.44 5.94 -15.92
C ASN B 134 -19.28 5.09 -16.86
N THR B 135 -18.80 4.88 -18.08
CA THR B 135 -19.55 4.09 -19.05
C THR B 135 -19.50 2.60 -18.74
N ASN B 136 -18.39 2.12 -18.19
CA ASN B 136 -18.31 0.71 -17.83
C ASN B 136 -19.35 0.46 -16.73
N ALA B 137 -19.48 1.43 -15.83
CA ALA B 137 -20.44 1.33 -14.73
C ALA B 137 -21.86 1.27 -15.27
N LEU B 138 -22.12 2.05 -16.32
CA LEU B 138 -23.44 2.09 -16.96
C LEU B 138 -23.78 0.73 -17.56
N ILE B 139 -22.83 0.14 -18.29
CA ILE B 139 -23.04 -1.16 -18.89
C ILE B 139 -23.32 -2.19 -17.80
N ALA B 140 -22.54 -2.13 -16.73
CA ALA B 140 -22.71 -3.05 -15.61
C ALA B 140 -24.09 -3.03 -14.96
N TYR B 141 -24.51 -1.87 -14.47
CA TYR B 141 -25.81 -1.79 -13.79
C TYR B 141 -27.01 -2.03 -14.71
N LYS B 142 -26.90 -1.59 -15.97
CA LYS B 142 -27.97 -1.80 -16.93
C LYS B 142 -28.15 -3.28 -17.17
N ASN B 143 -27.05 -4.04 -17.04
CA ASN B 143 -27.10 -5.47 -17.24
C ASN B 143 -27.23 -6.21 -15.93
N ALA B 144 -27.61 -5.48 -14.89
CA ALA B 144 -27.80 -6.07 -13.58
C ALA B 144 -29.19 -5.71 -13.07
N PRO B 145 -30.21 -5.90 -13.92
CA PRO B 145 -31.55 -5.56 -13.44
C PRO B 145 -31.79 -6.50 -12.27
N GLY B 146 -32.51 -6.04 -11.26
CA GLY B 146 -32.74 -6.88 -10.11
C GLY B 146 -31.88 -6.34 -8.99
N LEU B 147 -30.97 -5.44 -9.36
CA LEU B 147 -30.10 -4.79 -8.38
C LEU B 147 -30.31 -3.29 -8.46
N ASN B 148 -30.24 -2.65 -7.29
CA ASN B 148 -30.40 -1.21 -7.19
C ASN B 148 -29.35 -0.52 -8.06
N PRO B 149 -29.79 0.25 -9.08
CA PRO B 149 -28.82 0.93 -9.94
C PRO B 149 -27.87 1.84 -9.16
N ARG B 150 -28.37 2.47 -8.10
CA ARG B 150 -27.56 3.37 -7.30
C ARG B 150 -26.46 2.66 -6.52
N ASN B 151 -26.46 1.33 -6.55
CA ASN B 151 -25.42 0.59 -5.86
C ASN B 151 -24.21 0.45 -6.80
N PHE B 152 -24.35 0.95 -8.01
CA PHE B 152 -23.27 0.93 -8.98
C PHE B 152 -22.70 2.34 -9.13
N THR B 153 -21.39 2.47 -8.90
CA THR B 153 -20.74 3.76 -8.99
C THR B 153 -19.43 3.68 -9.77
N ALA B 154 -18.92 4.85 -10.19
CA ALA B 154 -17.65 4.92 -10.90
C ALA B 154 -16.78 5.88 -10.09
N MET B 155 -15.46 5.74 -10.20
CA MET B 155 -14.56 6.56 -9.41
C MET B 155 -14.04 7.87 -9.99
N THR B 156 -14.32 8.96 -9.28
CA THR B 156 -13.82 10.29 -9.64
C THR B 156 -13.13 10.80 -8.37
N ARG B 157 -12.97 9.91 -7.39
CA ARG B 157 -12.35 10.31 -6.13
C ARG B 157 -10.89 10.71 -6.31
N LEU B 158 -10.20 10.11 -7.27
CA LEU B 158 -8.79 10.49 -7.49
C LEU B 158 -8.75 11.92 -8.01
N ASP B 159 -9.62 12.23 -8.96
CA ASP B 159 -9.71 13.57 -9.52
C ASP B 159 -10.01 14.53 -8.37
N HIS B 160 -10.92 14.10 -7.50
CA HIS B 160 -11.34 14.85 -6.34
C HIS B 160 -10.19 15.09 -5.36
N ASN B 161 -9.41 14.05 -5.08
CA ASN B 161 -8.29 14.22 -4.16
C ASN B 161 -7.19 15.06 -4.80
N ARG B 162 -7.01 14.89 -6.11
CA ARG B 162 -6.01 15.66 -6.84
C ARG B 162 -6.35 17.14 -6.77
N ALA B 163 -7.63 17.46 -6.90
CA ALA B 163 -8.11 18.84 -6.83
C ALA B 163 -7.82 19.42 -5.45
N LYS B 164 -8.14 18.67 -4.40
CA LYS B 164 -7.90 19.11 -3.03
C LYS B 164 -6.40 19.39 -2.83
N ALA B 165 -5.56 18.51 -3.39
CA ALA B 165 -4.11 18.64 -3.26
C ALA B 165 -3.60 19.93 -3.91
N GLN B 166 -4.06 20.21 -5.11
CA GLN B 166 -3.64 21.40 -5.83
C GLN B 166 -4.06 22.66 -5.08
N LEU B 167 -5.26 22.65 -4.52
CA LEU B 167 -5.75 23.82 -3.80
C LEU B 167 -4.94 24.09 -2.53
N ALA B 168 -4.61 23.03 -1.80
CA ALA B 168 -3.84 23.15 -0.57
C ALA B 168 -2.44 23.69 -0.87
N LYS B 169 -1.88 23.27 -2.00
CA LYS B 169 -0.55 23.71 -2.41
C LYS B 169 -0.54 25.19 -2.73
N LYS B 170 -1.54 25.63 -3.49
CA LYS B 170 -1.64 27.03 -3.89
C LYS B 170 -1.86 27.96 -2.69
N THR B 171 -2.77 27.59 -1.81
CA THR B 171 -3.09 28.41 -0.64
C THR B 171 -2.09 28.20 0.49
N GLY B 172 -1.18 27.25 0.33
CA GLY B 172 -0.20 26.99 1.36
C GLY B 172 -0.80 26.50 2.66
N THR B 173 -1.95 25.82 2.58
CA THR B 173 -2.62 25.31 3.76
C THR B 173 -2.66 23.79 3.77
N GLY B 174 -2.91 23.21 4.94
CA GLY B 174 -2.97 21.76 5.08
C GLY B 174 -4.15 21.21 4.29
N VAL B 175 -3.91 20.15 3.53
CA VAL B 175 -4.97 19.55 2.73
C VAL B 175 -6.15 19.08 3.60
N ASP B 176 -5.87 18.79 4.88
CA ASP B 176 -6.92 18.35 5.78
C ASP B 176 -7.88 19.49 6.13
N ARG B 177 -7.51 20.71 5.74
CA ARG B 177 -8.36 21.87 6.01
C ARG B 177 -9.21 22.25 4.79
N ILE B 178 -9.15 21.44 3.75
CA ILE B 178 -9.90 21.69 2.53
C ILE B 178 -11.20 20.90 2.55
N ARG B 179 -12.32 21.60 2.41
CA ARG B 179 -13.63 20.96 2.42
C ARG B 179 -14.48 21.32 1.22
N ARG B 180 -15.52 20.52 1.01
CA ARG B 180 -16.48 20.73 -0.05
C ARG B 180 -15.94 20.86 -1.45
N MET B 181 -14.93 20.04 -1.76
CA MET B 181 -14.37 20.03 -3.10
C MET B 181 -15.36 19.23 -3.92
N THR B 182 -15.47 19.54 -5.20
CA THR B 182 -16.38 18.79 -6.07
C THR B 182 -15.82 18.67 -7.47
N VAL B 183 -15.92 17.47 -8.03
CA VAL B 183 -15.50 17.20 -9.39
C VAL B 183 -16.77 16.66 -10.00
N TRP B 184 -17.28 17.35 -11.02
CA TRP B 184 -18.52 16.95 -11.67
C TRP B 184 -18.30 16.17 -12.96
N GLY B 185 -19.25 15.29 -13.26
CA GLY B 185 -19.19 14.57 -14.52
C GLY B 185 -18.42 13.30 -14.73
N ASN B 186 -17.74 13.26 -15.87
CA ASN B 186 -16.97 12.11 -16.33
C ASN B 186 -15.54 12.09 -15.82
N HIS B 187 -14.98 10.90 -15.67
CA HIS B 187 -13.59 10.77 -15.27
C HIS B 187 -12.86 10.79 -16.60
N SER B 188 -12.63 11.98 -17.11
CA SER B 188 -11.98 12.17 -18.40
C SER B 188 -11.50 13.61 -18.48
N SER B 189 -11.03 14.00 -19.65
CA SER B 189 -10.52 15.35 -19.86
C SER B 189 -11.61 16.41 -19.68
N THR B 190 -12.88 15.99 -19.66
CA THR B 190 -13.96 16.96 -19.49
C THR B 190 -14.41 17.12 -18.04
N MET B 191 -13.76 16.41 -17.13
CA MET B 191 -14.08 16.50 -15.71
C MET B 191 -14.10 17.97 -15.29
N PHE B 192 -14.96 18.31 -14.33
CA PHE B 192 -15.04 19.70 -13.90
C PHE B 192 -14.82 19.91 -12.41
N PRO B 193 -13.60 20.31 -12.02
CA PRO B 193 -13.32 20.54 -10.60
C PRO B 193 -13.95 21.88 -10.24
N ASP B 194 -14.85 21.86 -9.26
CA ASP B 194 -15.61 23.04 -8.84
C ASP B 194 -15.09 23.67 -7.54
N LEU B 195 -14.65 24.93 -7.63
CA LEU B 195 -14.13 25.64 -6.47
C LEU B 195 -15.12 26.66 -5.92
N PHE B 196 -16.27 26.78 -6.56
CA PHE B 196 -17.28 27.76 -6.14
C PHE B 196 -17.91 27.47 -4.79
N HIS B 197 -17.79 26.24 -4.32
CA HIS B 197 -18.38 25.87 -3.04
C HIS B 197 -17.35 25.29 -2.08
N ALA B 198 -16.11 25.21 -2.55
CA ALA B 198 -15.02 24.67 -1.74
C ALA B 198 -14.60 25.69 -0.67
N GLU B 199 -14.08 25.19 0.44
CA GLU B 199 -13.65 26.04 1.53
C GLU B 199 -12.28 25.63 2.07
N VAL B 200 -11.49 26.65 2.43
CA VAL B 200 -10.16 26.47 2.97
C VAL B 200 -10.22 27.05 4.37
N ASP B 201 -10.22 26.17 5.37
CA ASP B 201 -10.30 26.61 6.76
C ASP B 201 -11.60 27.37 7.00
N GLY B 202 -12.64 26.96 6.30
CA GLY B 202 -13.95 27.60 6.44
C GLY B 202 -14.16 28.82 5.56
N ARG B 203 -13.11 29.24 4.87
CA ARG B 203 -13.20 30.41 3.99
C ARG B 203 -13.34 29.97 2.53
N PRO B 204 -14.18 30.66 1.75
CA PRO B 204 -14.39 30.34 0.34
C PRO B 204 -13.08 30.31 -0.43
N ALA B 205 -12.88 29.26 -1.22
CA ALA B 205 -11.65 29.10 -1.99
C ALA B 205 -11.36 30.24 -2.95
N LEU B 206 -12.41 30.76 -3.60
CA LEU B 206 -12.21 31.84 -4.56
C LEU B 206 -11.91 33.18 -3.91
N GLU B 207 -11.82 33.18 -2.59
CA GLU B 207 -11.47 34.40 -1.87
C GLU B 207 -9.96 34.35 -1.65
N LEU B 208 -9.39 33.18 -1.89
CA LEU B 208 -7.95 32.95 -1.73
C LEU B 208 -7.21 32.77 -3.05
N VAL B 209 -7.96 32.43 -4.10
CA VAL B 209 -7.38 32.25 -5.42
C VAL B 209 -8.28 32.98 -6.40
N ASP B 210 -7.69 33.53 -7.45
CA ASP B 210 -8.46 34.29 -8.44
C ASP B 210 -9.00 33.37 -9.55
N MET B 211 -9.98 33.87 -10.29
CA MET B 211 -10.59 33.13 -11.38
C MET B 211 -9.61 32.76 -12.48
N GLU B 212 -8.65 33.64 -12.73
CA GLU B 212 -7.65 33.40 -13.76
C GLU B 212 -6.86 32.13 -13.46
N TRP B 213 -6.37 32.02 -12.23
CA TRP B 213 -5.61 30.84 -11.82
C TRP B 213 -6.51 29.61 -11.90
N TYR B 214 -7.70 29.74 -11.35
CA TYR B 214 -8.67 28.66 -11.34
C TYR B 214 -8.92 28.07 -12.73
N GLU B 215 -9.25 28.94 -13.68
CA GLU B 215 -9.55 28.48 -15.03
C GLU B 215 -8.34 28.07 -15.89
N LYS B 216 -7.27 28.85 -15.85
CA LYS B 216 -6.10 28.55 -16.66
C LYS B 216 -5.05 27.62 -16.07
N VAL B 217 -5.01 27.51 -14.74
CA VAL B 217 -4.02 26.65 -14.11
C VAL B 217 -4.60 25.43 -13.39
N PHE B 218 -5.45 25.71 -12.41
CA PHE B 218 -6.07 24.67 -11.60
C PHE B 218 -6.75 23.56 -12.39
N ILE B 219 -7.78 23.92 -13.16
CA ILE B 219 -8.52 22.92 -13.94
C ILE B 219 -7.67 22.07 -14.87
N PRO B 220 -6.84 22.70 -15.72
CA PRO B 220 -6.01 21.90 -16.63
C PRO B 220 -4.98 21.03 -15.90
N THR B 221 -4.46 21.52 -14.79
CA THR B 221 -3.48 20.76 -14.02
C THR B 221 -4.13 19.51 -13.44
N VAL B 222 -5.31 19.68 -12.86
CA VAL B 222 -6.02 18.53 -12.30
C VAL B 222 -6.33 17.55 -13.43
N ALA B 223 -6.70 18.08 -14.59
CA ALA B 223 -7.03 17.23 -15.74
C ALA B 223 -5.82 16.45 -16.26
N GLN B 224 -4.65 17.08 -16.25
CA GLN B 224 -3.42 16.46 -16.76
C GLN B 224 -2.60 15.70 -15.70
N ARG B 225 -3.00 15.78 -14.44
CA ARG B 225 -2.26 15.14 -13.36
C ARG B 225 -1.94 13.67 -13.61
N GLY B 226 -2.91 12.92 -14.14
CA GLY B 226 -2.69 11.52 -14.43
C GLY B 226 -1.55 11.35 -15.42
N ALA B 227 -1.57 12.15 -16.47
CA ALA B 227 -0.52 12.10 -17.48
C ALA B 227 0.80 12.50 -16.83
N ALA B 228 0.74 13.46 -15.92
CA ALA B 228 1.94 13.92 -15.22
C ALA B 228 2.64 12.78 -14.48
N ILE B 229 1.87 11.97 -13.78
CA ILE B 229 2.45 10.86 -13.04
C ILE B 229 3.11 9.87 -13.98
N ILE B 230 2.43 9.53 -15.06
CA ILE B 230 2.96 8.58 -16.03
C ILE B 230 4.27 9.08 -16.64
N GLN B 231 4.33 10.36 -16.97
CA GLN B 231 5.55 10.90 -17.57
C GLN B 231 6.71 10.90 -16.59
N ALA B 232 6.40 11.08 -15.30
CA ALA B 232 7.42 11.11 -14.27
C ALA B 232 7.89 9.72 -13.86
N ARG B 233 6.95 8.81 -13.62
CA ARG B 233 7.28 7.45 -13.19
C ARG B 233 7.40 6.41 -14.29
N GLY B 234 6.91 6.74 -15.48
CA GLY B 234 6.95 5.76 -16.56
C GLY B 234 5.98 4.65 -16.21
N ALA B 235 5.06 4.95 -15.29
CA ALA B 235 4.05 4.00 -14.84
C ALA B 235 2.82 4.78 -14.36
N SER B 236 1.66 4.12 -14.37
CA SER B 236 0.41 4.74 -13.95
C SER B 236 0.37 5.06 -12.46
N SER B 237 -0.59 5.89 -12.07
CA SER B 237 -0.74 6.30 -10.68
C SER B 237 -1.52 5.27 -9.85
N ALA B 238 -0.96 4.06 -9.77
CA ALA B 238 -1.60 2.96 -9.05
C ALA B 238 -1.86 3.17 -7.57
N ALA B 239 -0.85 3.63 -6.82
CA ALA B 239 -1.00 3.83 -5.39
C ALA B 239 -2.07 4.86 -5.04
N SER B 240 -2.04 6.02 -5.71
CA SER B 240 -3.03 7.05 -5.41
C SER B 240 -4.41 6.69 -5.95
N ALA B 241 -4.46 5.85 -6.99
CA ALA B 241 -5.74 5.40 -7.53
C ALA B 241 -6.34 4.39 -6.56
N ALA B 242 -5.48 3.56 -5.98
CA ALA B 242 -5.92 2.56 -5.02
C ALA B 242 -6.42 3.29 -3.77
N ASN B 243 -5.72 4.36 -3.40
CA ASN B 243 -6.11 5.15 -2.23
C ASN B 243 -7.48 5.76 -2.43
N ALA B 244 -7.71 6.32 -3.61
CA ALA B 244 -8.99 6.94 -3.91
C ALA B 244 -10.11 5.91 -3.88
N ALA B 245 -9.82 4.70 -4.37
CA ALA B 245 -10.83 3.64 -4.39
C ALA B 245 -11.15 3.26 -2.96
N ILE B 246 -10.13 3.21 -2.11
CA ILE B 246 -10.31 2.88 -0.71
C ILE B 246 -11.20 3.92 -0.05
N GLU B 247 -10.92 5.19 -0.29
CA GLU B 247 -11.70 6.27 0.30
C GLU B 247 -13.12 6.33 -0.26
N HIS B 248 -13.27 6.05 -1.55
CA HIS B 248 -14.59 6.05 -2.18
C HIS B 248 -15.48 5.05 -1.45
N ILE B 249 -15.01 3.82 -1.31
CA ILE B 249 -15.77 2.78 -0.62
C ILE B 249 -15.91 3.11 0.88
N ARG B 250 -14.82 3.54 1.49
CA ARG B 250 -14.83 3.87 2.92
C ARG B 250 -15.88 4.92 3.28
N ASP B 251 -15.85 6.07 2.61
CA ASP B 251 -16.78 7.13 2.91
C ASP B 251 -18.23 6.74 2.65
N TRP B 252 -18.42 5.89 1.63
CA TRP B 252 -19.73 5.39 1.25
C TRP B 252 -20.29 4.51 2.37
N ALA B 253 -19.45 3.63 2.90
CA ALA B 253 -19.87 2.71 3.95
C ALA B 253 -19.87 3.29 5.37
N LEU B 254 -18.84 4.06 5.70
CA LEU B 254 -18.71 4.63 7.04
C LEU B 254 -19.31 6.03 7.21
N GLY B 255 -19.50 6.74 6.10
CA GLY B 255 -20.08 8.07 6.17
C GLY B 255 -19.11 9.22 5.95
N THR B 256 -19.65 10.33 5.46
CA THR B 256 -18.85 11.52 5.21
C THR B 256 -18.88 12.40 6.46
N PRO B 257 -17.85 13.23 6.63
CA PRO B 257 -17.79 14.12 7.80
C PRO B 257 -18.91 15.16 7.78
N GLU B 258 -19.40 15.52 8.96
CA GLU B 258 -20.45 16.52 9.10
C GLU B 258 -19.97 17.82 8.46
N GLY B 259 -20.82 18.43 7.63
CA GLY B 259 -20.45 19.69 6.99
C GLY B 259 -19.60 19.57 5.74
N ASP B 260 -19.26 18.35 5.34
CA ASP B 260 -18.43 18.15 4.16
C ASP B 260 -19.15 17.21 3.19
N TRP B 261 -18.52 16.95 2.05
CA TRP B 261 -19.07 16.03 1.06
C TRP B 261 -17.93 15.56 0.15
N VAL B 262 -18.20 14.54 -0.66
CA VAL B 262 -17.20 13.99 -1.55
C VAL B 262 -17.78 13.77 -2.94
N SER B 263 -16.89 13.51 -3.90
CA SER B 263 -17.31 13.28 -5.29
C SER B 263 -17.48 11.80 -5.60
N MET B 264 -18.61 11.45 -6.19
CA MET B 264 -18.91 10.07 -6.59
C MET B 264 -19.71 10.11 -7.88
N ALA B 265 -19.27 9.33 -8.87
CA ALA B 265 -19.99 9.24 -10.13
C ALA B 265 -21.07 8.17 -9.90
N VAL B 266 -22.34 8.58 -9.97
CA VAL B 266 -23.44 7.65 -9.74
C VAL B 266 -24.52 7.86 -10.81
N PRO B 267 -25.44 6.89 -10.96
CA PRO B 267 -26.49 7.04 -11.97
C PRO B 267 -27.32 8.28 -11.68
N SER B 268 -27.38 9.19 -12.65
CA SER B 268 -28.13 10.42 -12.48
C SER B 268 -29.63 10.21 -12.42
N GLN B 269 -30.28 10.97 -11.53
CA GLN B 269 -31.72 10.94 -11.38
C GLN B 269 -32.26 12.35 -11.65
N GLY B 270 -31.58 13.05 -12.56
CA GLY B 270 -32.01 14.38 -12.93
C GLY B 270 -31.50 15.53 -12.08
N GLU B 271 -30.72 15.24 -11.04
CA GLU B 271 -30.20 16.29 -10.18
C GLU B 271 -29.47 17.32 -11.03
N TYR B 272 -29.69 18.59 -10.72
CA TYR B 272 -29.05 19.70 -11.44
C TYR B 272 -29.30 19.66 -12.95
N GLY B 273 -30.40 19.04 -13.35
CA GLY B 273 -30.73 18.97 -14.77
C GLY B 273 -29.89 17.99 -15.59
N ILE B 274 -29.02 17.24 -14.95
CA ILE B 274 -28.19 16.29 -15.67
C ILE B 274 -29.03 15.12 -16.19
N PRO B 275 -28.80 14.71 -17.45
CA PRO B 275 -29.53 13.59 -18.08
C PRO B 275 -29.55 12.36 -17.16
N GLU B 276 -30.69 11.68 -17.13
CA GLU B 276 -30.83 10.49 -16.29
C GLU B 276 -30.10 9.27 -16.83
N GLY B 277 -29.78 8.35 -15.95
CA GLY B 277 -29.12 7.12 -16.36
C GLY B 277 -27.61 7.14 -16.41
N ILE B 278 -27.04 8.14 -17.07
CA ILE B 278 -25.59 8.22 -17.18
C ILE B 278 -24.97 8.30 -15.79
N VAL B 279 -23.80 7.69 -15.64
CA VAL B 279 -23.07 7.70 -14.37
C VAL B 279 -22.25 8.98 -14.35
N TYR B 280 -22.75 9.96 -13.61
CA TYR B 280 -22.17 11.29 -13.52
C TYR B 280 -21.70 11.64 -12.10
N SER B 281 -20.50 12.21 -11.99
CA SER B 281 -19.97 12.58 -10.68
C SER B 281 -20.70 13.78 -10.08
N PHE B 282 -21.18 13.61 -8.86
CA PHE B 282 -21.92 14.64 -8.12
C PHE B 282 -21.33 14.84 -6.73
N PRO B 283 -21.63 15.98 -6.10
CA PRO B 283 -21.09 16.16 -4.76
C PRO B 283 -22.08 15.31 -3.95
N VAL B 284 -21.58 14.46 -3.07
CA VAL B 284 -22.46 13.59 -2.30
C VAL B 284 -22.08 13.47 -0.83
N THR B 285 -23.06 13.15 0.01
CA THR B 285 -22.83 12.93 1.44
C THR B 285 -23.29 11.49 1.64
N ALA B 286 -22.73 10.81 2.64
CA ALA B 286 -23.13 9.42 2.87
C ALA B 286 -23.33 9.08 4.33
N LYS B 287 -24.22 8.13 4.59
CA LYS B 287 -24.53 7.67 5.93
C LYS B 287 -25.09 6.26 5.87
N ASP B 288 -24.56 5.38 6.72
CA ASP B 288 -25.00 4.00 6.79
C ASP B 288 -25.04 3.23 5.47
N GLY B 289 -23.99 3.40 4.65
CA GLY B 289 -23.93 2.69 3.39
C GLY B 289 -24.77 3.23 2.25
N ALA B 290 -25.41 4.37 2.47
CA ALA B 290 -26.22 4.97 1.43
C ALA B 290 -25.77 6.42 1.24
N TYR B 291 -25.81 6.90 0.00
CA TYR B 291 -25.39 8.25 -0.30
C TYR B 291 -26.53 9.07 -0.90
N ARG B 292 -26.35 10.39 -0.91
CA ARG B 292 -27.36 11.27 -1.45
C ARG B 292 -26.67 12.48 -2.08
N VAL B 293 -27.07 12.81 -3.30
CA VAL B 293 -26.48 13.95 -3.98
C VAL B 293 -26.78 15.21 -3.18
N VAL B 294 -25.82 16.12 -3.13
CA VAL B 294 -25.99 17.38 -2.42
C VAL B 294 -26.70 18.31 -3.41
N GLU B 295 -27.98 18.58 -3.17
CA GLU B 295 -28.74 19.45 -4.07
C GLU B 295 -28.95 20.85 -3.48
N GLY B 296 -29.30 21.80 -4.34
CA GLY B 296 -29.53 23.16 -3.88
C GLY B 296 -28.36 24.11 -4.07
N LEU B 297 -27.21 23.58 -4.49
CA LEU B 297 -26.04 24.42 -4.70
C LEU B 297 -26.26 25.37 -5.87
N GLU B 298 -25.84 26.62 -5.68
CA GLU B 298 -25.97 27.64 -6.71
C GLU B 298 -24.99 27.30 -7.83
N ILE B 299 -25.48 27.32 -9.07
CA ILE B 299 -24.63 27.01 -10.22
C ILE B 299 -24.60 28.15 -11.23
N ASN B 300 -23.47 28.85 -11.30
CA ASN B 300 -23.31 29.96 -12.22
C ASN B 300 -23.05 29.48 -13.64
N GLU B 301 -23.00 30.41 -14.59
CA GLU B 301 -22.77 30.07 -16.00
C GLU B 301 -21.45 29.33 -16.24
N PHE B 302 -20.40 29.75 -15.55
CA PHE B 302 -19.08 29.12 -15.70
C PHE B 302 -19.20 27.63 -15.40
N ALA B 303 -19.84 27.32 -14.27
CA ALA B 303 -20.02 25.93 -13.84
C ALA B 303 -21.01 25.19 -14.76
N ARG B 304 -22.15 25.80 -15.03
CA ARG B 304 -23.15 25.17 -15.88
C ARG B 304 -22.57 24.75 -17.23
N LYS B 305 -21.85 25.66 -17.87
CA LYS B 305 -21.23 25.41 -19.17
C LYS B 305 -20.39 24.12 -19.16
N ARG B 306 -19.50 24.00 -18.18
CA ARG B 306 -18.65 22.84 -18.07
C ARG B 306 -19.39 21.59 -17.60
N MET B 307 -20.43 21.78 -16.80
CA MET B 307 -21.20 20.63 -16.31
C MET B 307 -21.94 19.97 -17.47
N GLU B 308 -22.37 20.78 -18.43
CA GLU B 308 -23.08 20.25 -19.59
C GLU B 308 -22.11 19.64 -20.59
N ILE B 309 -20.93 20.22 -20.71
CA ILE B 309 -19.92 19.70 -21.63
C ILE B 309 -19.60 18.26 -21.27
N THR B 310 -19.32 18.02 -20.00
CA THR B 310 -18.99 16.69 -19.55
C THR B 310 -20.22 15.78 -19.59
N ALA B 311 -21.40 16.35 -19.37
CA ALA B 311 -22.64 15.58 -19.41
C ALA B 311 -22.86 15.11 -20.84
N GLN B 312 -22.61 16.00 -21.80
CA GLN B 312 -22.79 15.67 -23.22
C GLN B 312 -21.83 14.58 -23.66
N GLU B 313 -20.61 14.60 -23.14
CA GLU B 313 -19.63 13.57 -23.49
C GLU B 313 -20.12 12.21 -23.01
N LEU B 314 -20.74 12.19 -21.82
CA LEU B 314 -21.25 10.94 -21.28
C LEU B 314 -22.44 10.45 -22.12
N LEU B 315 -23.26 11.38 -22.60
CA LEU B 315 -24.40 11.00 -23.43
C LEU B 315 -23.88 10.38 -24.73
N ASP B 316 -22.82 10.97 -25.27
CA ASP B 316 -22.22 10.47 -26.51
C ASP B 316 -21.68 9.06 -26.30
N GLU B 317 -21.04 8.82 -25.16
CA GLU B 317 -20.51 7.50 -24.86
C GLU B 317 -21.67 6.53 -24.68
N MET B 318 -22.74 6.97 -24.02
CA MET B 318 -23.89 6.11 -23.80
C MET B 318 -24.54 5.74 -25.13
N GLU B 319 -24.64 6.72 -26.02
CA GLU B 319 -25.22 6.52 -27.34
C GLU B 319 -24.47 5.40 -28.06
N GLN B 320 -23.14 5.42 -27.99
CA GLN B 320 -22.33 4.42 -28.65
C GLN B 320 -22.56 3.00 -28.14
N VAL B 321 -22.62 2.83 -26.82
CA VAL B 321 -22.84 1.49 -26.27
C VAL B 321 -24.27 1.05 -26.57
N LYS B 322 -25.19 2.01 -26.62
CA LYS B 322 -26.58 1.70 -26.91
C LYS B 322 -26.67 1.25 -28.37
N ALA B 323 -25.94 1.93 -29.25
CA ALA B 323 -25.93 1.61 -30.67
C ALA B 323 -25.34 0.22 -30.92
N LEU B 324 -24.44 -0.20 -30.03
CA LEU B 324 -23.82 -1.52 -30.16
C LEU B 324 -24.72 -2.58 -29.54
N GLY B 325 -25.81 -2.14 -28.91
CA GLY B 325 -26.74 -3.06 -28.29
C GLY B 325 -26.26 -3.64 -26.97
N LEU B 326 -25.34 -2.94 -26.32
CA LEU B 326 -24.77 -3.39 -25.05
C LEU B 326 -25.72 -3.11 -23.89
N ILE B 327 -26.58 -2.12 -24.07
CA ILE B 327 -27.56 -1.76 -23.04
C ILE B 327 -28.88 -1.51 -23.76
PA NAD C . 14.16 -1.85 -6.56
O1A NAD C . 14.90 -2.42 -7.69
O2A NAD C . 12.76 -1.57 -6.90
O5B NAD C . 14.72 -0.45 -6.03
O3 NAD C . 14.32 -2.78 -5.31
PN NAD C . 13.28 -3.37 -4.24
O1N NAD C . 12.59 -4.53 -4.90
O2N NAD C . 12.38 -2.27 -3.85
O5D NAD C . 14.21 -3.96 -3.07
C5D NAD C . 15.07 -3.04 -2.35
C4D NAD C . 16.03 -3.82 -1.47
O4D NAD C . 15.31 -4.50 -0.39
C3D NAD C . 16.87 -4.89 -2.18
O3D NAD C . 18.25 -4.92 -1.79
C2D NAD C . 16.10 -6.18 -1.82
O2D NAD C . 16.95 -7.34 -1.98
C1D NAD C . 15.69 -5.85 -0.40
N1N NAD C . 14.60 -6.68 0.17
C2N NAD C . 14.79 -6.98 1.51
C3N NAD C . 13.82 -7.75 2.14
C7N NAD C . 13.92 -8.14 3.61
O7N NAD C . 14.81 -7.64 4.31
N7N NAD C . 13.04 -9.01 4.13
C4N NAD C . 12.65 -8.22 1.42
C5N NAD C . 12.57 -7.84 0.05
C6N NAD C . 13.49 -7.09 -0.64
PA NAD D . -3.00 -2.95 -15.08
O1A NAD D . -3.92 -3.92 -14.50
O2A NAD D . -2.63 -3.30 -16.47
O5B NAD D . -1.61 -2.82 -14.32
O3 NAD D . -3.59 -1.51 -14.96
PN NAD D . -3.85 -0.53 -13.73
O1N NAD D . -2.75 0.47 -13.72
O2N NAD D . -3.92 -1.37 -12.52
O5D NAD D . -5.21 0.20 -14.12
C5D NAD D . -6.43 -0.58 -14.10
C4D NAD D . -7.58 0.25 -14.66
O4D NAD D . -7.88 1.38 -13.79
C3D NAD D . -7.38 0.80 -16.07
O3D NAD D . -8.53 0.65 -16.93
C2D NAD D . -7.01 2.27 -15.78
O2D NAD D . -7.24 3.09 -16.95
C1D NAD D . -7.91 2.54 -14.60
N1N NAD D . -7.57 3.74 -13.76
C2N NAD D . -8.69 4.43 -13.34
C3N NAD D . -8.47 5.55 -12.55
C7N NAD D . -9.63 6.40 -12.02
O7N NAD D . -9.39 7.49 -11.53
N7N NAD D . -10.90 5.94 -12.11
C4N NAD D . -7.12 5.98 -12.18
C5N NAD D . -6.06 5.18 -12.68
C6N NAD D . -6.20 4.05 -13.47
#